data_1IFP
# 
_entry.id   1IFP 
# 
_audit_conform.dict_name       mmcif_pdbx.dic 
_audit_conform.dict_version    5.392 
_audit_conform.dict_location   http://mmcif.pdb.org/dictionaries/ascii/mmcif_pdbx.dic 
# 
loop_
_database_2.database_id 
_database_2.database_code 
_database_2.pdbx_database_accession 
_database_2.pdbx_DOI 
PDB   1IFP         pdb_00001ifp 10.2210/pdb1ifp/pdb 
WWPDB D_1000174139 ?            ?                   
# 
loop_
_pdbx_audit_revision_history.ordinal 
_pdbx_audit_revision_history.data_content_type 
_pdbx_audit_revision_history.major_revision 
_pdbx_audit_revision_history.minor_revision 
_pdbx_audit_revision_history.revision_date 
1 'Structure model' 1 0 1998-11-04 
2 'Structure model' 1 1 2008-03-24 
3 'Structure model' 1 2 2011-07-13 
4 'Structure model' 1 3 2023-08-09 
5 'Structure model' 1 4 2024-05-22 
# 
_pdbx_audit_revision_details.ordinal             1 
_pdbx_audit_revision_details.revision_ordinal    1 
_pdbx_audit_revision_details.data_content_type   'Structure model' 
_pdbx_audit_revision_details.provider            repository 
_pdbx_audit_revision_details.type                'Initial release' 
_pdbx_audit_revision_details.description         ? 
_pdbx_audit_revision_details.details             ? 
# 
loop_
_pdbx_audit_revision_group.ordinal 
_pdbx_audit_revision_group.revision_ordinal 
_pdbx_audit_revision_group.data_content_type 
_pdbx_audit_revision_group.group 
1 2 'Structure model' 'Version format compliance' 
2 3 'Structure model' 'Version format compliance' 
3 4 'Structure model' 'Database references'       
4 4 'Structure model' 'Derived calculations'      
5 4 'Structure model' Other                       
6 4 'Structure model' 'Refinement description'    
7 5 'Structure model' 'Data collection'           
# 
loop_
_pdbx_audit_revision_category.ordinal 
_pdbx_audit_revision_category.revision_ordinal 
_pdbx_audit_revision_category.data_content_type 
_pdbx_audit_revision_category.category 
1 4 'Structure model' database_2                    
2 4 'Structure model' pdbx_database_status          
3 4 'Structure model' pdbx_initial_refinement_model 
4 4 'Structure model' pdbx_struct_oper_list         
5 5 'Structure model' chem_comp_atom                
6 5 'Structure model' chem_comp_bond                
# 
loop_
_pdbx_audit_revision_item.ordinal 
_pdbx_audit_revision_item.revision_ordinal 
_pdbx_audit_revision_item.data_content_type 
_pdbx_audit_revision_item.item 
1 4 'Structure model' '_database_2.pdbx_DOI'                      
2 4 'Structure model' '_database_2.pdbx_database_accession'       
3 4 'Structure model' '_pdbx_database_status.process_site'        
4 4 'Structure model' '_pdbx_struct_oper_list.name'               
5 4 'Structure model' '_pdbx_struct_oper_list.symmetry_operation' 
6 4 'Structure model' '_pdbx_struct_oper_list.type'               
# 
_pdbx_database_status.status_code                     REL 
_pdbx_database_status.entry_id                        1IFP 
_pdbx_database_status.recvd_initial_deposition_date   1998-01-22 
_pdbx_database_status.deposit_site                    ? 
_pdbx_database_status.process_site                    BNL 
_pdbx_database_status.status_code_sf                  REL 
_pdbx_database_status.status_code_mr                  ? 
_pdbx_database_status.SG_entry                        ? 
_pdbx_database_status.pdb_format_compatible           Y 
_pdbx_database_status.status_code_cs                  ? 
_pdbx_database_status.status_code_nmr_data            ? 
_pdbx_database_status.methods_development_category    ? 
# 
loop_
_audit_author.name 
_audit_author.pdbx_ordinal 
'Welsh, L.C.'   1 
'Symmons, M.F.' 2 
'Perham, R.N.'  3 
'Marvin, D.A.'  4 
# 
loop_
_citation.id 
_citation.title 
_citation.journal_abbrev 
_citation.journal_volume 
_citation.page_first 
_citation.page_last 
_citation.year 
_citation.journal_id_ASTM 
_citation.country 
_citation.journal_id_ISSN 
_citation.journal_id_CSD 
_citation.book_publisher 
_citation.pdbx_database_id_PubMed 
_citation.pdbx_database_id_DOI 
primary 'Structure of the capsid of Pf3 filamentous phage determined from X-ray fibre diffraction data at 3.1 A resolution.' 
J.Mol.Biol.                283 155 177 1998 JMOBAK UK 0022-2836 0070 ? 9761681 10.1006/jmbi.1998.2081 
1       
;Pf1 Filamentous Bacteriophage: Refinement of a Molecular Model by Simulated Annealing Using 3.3 A Resolution X-Ray Fibre Diffraction Data
;
'Acta Crystallogr.,Sect.D' 51  792 ?   1995 ABCRE6 DK 0907-4449 0766 ? ?       ?                      
2       
;Two Forms of Pf1 Inovirus: X-Ray Diffraction Studies on a Structural Phase Transition and a Calculated Libration Normal Mode of the Asymmetric Unit
;
'Phase Transitions'        39  45  ?   1992 PHTRDP US 0141-1594 1101 ? ?       ?                      
3       'Model-Building Studies of Inovirus: Genetic Variations on a Geometric Theme' Int.J.Biol.Macromol.       12  125 ?   1990 
IJBMDR UK 0141-8130 0708 ? ?       ?                      
4       'Erratum. Model-Building Studies of Inovirus: Genetic Variations on a Geometric Theme' Int.J.Biol.Macromol.       12  335 
?   1990 IJBMDR UK 0141-8130 0708 ? ?       ?                      
5       'Dynamics of Telescoping Inovirus: A Mechanism for Assembly at Membrane Adhesions' Int.J.Biol.Macromol.       11  159 ?   
1989 IJBMDR UK 0141-8130 0708 ? ?       ?                      
# 
loop_
_citation_author.citation_id 
_citation_author.name 
_citation_author.ordinal 
_citation_author.identifier_ORCID 
primary 'Welsh, L.C.'      1  ? 
primary 'Symmons, M.F.'    2  ? 
primary 'Sturtevant, J.M.' 3  ? 
primary 'Marvin, D.A.'     4  ? 
primary 'Perham, R.N.'     5  ? 
1       'Gonzalez, A.'     6  ? 
1       'Nave, C.'         7  ? 
1       'Marvin, D.A.'     8  ? 
2       'Marvin, D.A.'     9  ? 
2       'Nave, C.'         10 ? 
2       'Bansal, M.'       11 ? 
2       'Hale, R.D.'       12 ? 
2       'Salje, E.K.H.'    13 ? 
3       'Marvin, D.A.'     14 ? 
4       'Marvin, D.A.'     15 ? 
5       'Marvin, D.A.'     16 ? 
# 
_entity.id                         1 
_entity.type                       polymer 
_entity.src_method                 man 
_entity.pdbx_description           'MAJOR COAT PROTEIN ASSEMBLY' 
_entity.formula_weight             4632.466 
_entity.pdbx_number_of_molecules   1 
_entity.pdbx_ec                    ? 
_entity.pdbx_mutation              ? 
_entity.pdbx_fragment              ? 
_entity.details                    ? 
# 
_entity_name_com.entity_id   1 
_entity_name_com.name        'PF3 INOVIRUS' 
# 
_entity_poly.entity_id                      1 
_entity_poly.type                           'polypeptide(L)' 
_entity_poly.nstd_linkage                   no 
_entity_poly.nstd_monomer                   no 
_entity_poly.pdbx_seq_one_letter_code       MQSVITDVTGQLTAVQADITTIGGAIIVLAAVVLGIRWIKAQFF 
_entity_poly.pdbx_seq_one_letter_code_can   MQSVITDVTGQLTAVQADITTIGGAIIVLAAVVLGIRWIKAQFF 
_entity_poly.pdbx_strand_id                 A 
_entity_poly.pdbx_target_identifier         ? 
# 
loop_
_entity_poly_seq.entity_id 
_entity_poly_seq.num 
_entity_poly_seq.mon_id 
_entity_poly_seq.hetero 
1 1  MET n 
1 2  GLN n 
1 3  SER n 
1 4  VAL n 
1 5  ILE n 
1 6  THR n 
1 7  ASP n 
1 8  VAL n 
1 9  THR n 
1 10 GLY n 
1 11 GLN n 
1 12 LEU n 
1 13 THR n 
1 14 ALA n 
1 15 VAL n 
1 16 GLN n 
1 17 ALA n 
1 18 ASP n 
1 19 ILE n 
1 20 THR n 
1 21 THR n 
1 22 ILE n 
1 23 GLY n 
1 24 GLY n 
1 25 ALA n 
1 26 ILE n 
1 27 ILE n 
1 28 VAL n 
1 29 LEU n 
1 30 ALA n 
1 31 ALA n 
1 32 VAL n 
1 33 VAL n 
1 34 LEU n 
1 35 GLY n 
1 36 ILE n 
1 37 ARG n 
1 38 TRP n 
1 39 ILE n 
1 40 LYS n 
1 41 ALA n 
1 42 GLN n 
1 43 PHE n 
1 44 PHE n 
# 
_entity_src_gen.entity_id                          1 
_entity_src_gen.pdbx_src_id                        1 
_entity_src_gen.pdbx_alt_source_flag               sample 
_entity_src_gen.pdbx_seq_type                      ? 
_entity_src_gen.pdbx_beg_seq_num                   ? 
_entity_src_gen.pdbx_end_seq_num                   ? 
_entity_src_gen.gene_src_common_name               ? 
_entity_src_gen.gene_src_genus                     Inovirus 
_entity_src_gen.pdbx_gene_src_gene                 ? 
_entity_src_gen.gene_src_species                   ? 
_entity_src_gen.gene_src_strain                    'NEW YORK' 
_entity_src_gen.gene_src_tissue                    ? 
_entity_src_gen.gene_src_tissue_fraction           ? 
_entity_src_gen.gene_src_details                   ? 
_entity_src_gen.pdbx_gene_src_fragment             ? 
_entity_src_gen.pdbx_gene_src_scientific_name      'Pseudomonas phage Pf3' 
_entity_src_gen.pdbx_gene_src_ncbi_taxonomy_id     10872 
_entity_src_gen.pdbx_gene_src_variant              ? 
_entity_src_gen.pdbx_gene_src_cell_line            ? 
_entity_src_gen.pdbx_gene_src_atcc                 ? 
_entity_src_gen.pdbx_gene_src_organ                ? 
_entity_src_gen.pdbx_gene_src_organelle            ? 
_entity_src_gen.pdbx_gene_src_cell                 ? 
_entity_src_gen.pdbx_gene_src_cellular_location    ? 
_entity_src_gen.host_org_common_name               ? 
_entity_src_gen.pdbx_host_org_scientific_name      'Pseudomonas aeruginosa' 
_entity_src_gen.pdbx_host_org_ncbi_taxonomy_id     287 
_entity_src_gen.host_org_genus                     Pseudomonas 
_entity_src_gen.pdbx_host_org_gene                 ? 
_entity_src_gen.pdbx_host_org_organ                ? 
_entity_src_gen.host_org_species                   ? 
_entity_src_gen.pdbx_host_org_tissue               ? 
_entity_src_gen.pdbx_host_org_tissue_fraction      ? 
_entity_src_gen.pdbx_host_org_strain               ? 
_entity_src_gen.pdbx_host_org_variant              ? 
_entity_src_gen.pdbx_host_org_cell_line            ? 
_entity_src_gen.pdbx_host_org_atcc                 ? 
_entity_src_gen.pdbx_host_org_culture_collection   ? 
_entity_src_gen.pdbx_host_org_cell                 ? 
_entity_src_gen.pdbx_host_org_organelle            ? 
_entity_src_gen.pdbx_host_org_cellular_location    ? 
_entity_src_gen.pdbx_host_org_vector_type          ? 
_entity_src_gen.pdbx_host_org_vector               ? 
_entity_src_gen.host_org_details                   ? 
_entity_src_gen.expression_system_id               ? 
_entity_src_gen.plasmid_name                       ? 
_entity_src_gen.plasmid_details                    ? 
_entity_src_gen.pdbx_description                   'FILAMENTOUS BACTERIOPHAGE' 
# 
loop_
_chem_comp.id 
_chem_comp.type 
_chem_comp.mon_nstd_flag 
_chem_comp.name 
_chem_comp.pdbx_synonyms 
_chem_comp.formula 
_chem_comp.formula_weight 
ALA 'L-peptide linking' y ALANINE         ? 'C3 H7 N O2'     89.093  
ARG 'L-peptide linking' y ARGININE        ? 'C6 H15 N4 O2 1' 175.209 
ASP 'L-peptide linking' y 'ASPARTIC ACID' ? 'C4 H7 N O4'     133.103 
GLN 'L-peptide linking' y GLUTAMINE       ? 'C5 H10 N2 O3'   146.144 
GLY 'peptide linking'   y GLYCINE         ? 'C2 H5 N O2'     75.067  
ILE 'L-peptide linking' y ISOLEUCINE      ? 'C6 H13 N O2'    131.173 
LEU 'L-peptide linking' y LEUCINE         ? 'C6 H13 N O2'    131.173 
LYS 'L-peptide linking' y LYSINE          ? 'C6 H15 N2 O2 1' 147.195 
MET 'L-peptide linking' y METHIONINE      ? 'C5 H11 N O2 S'  149.211 
PHE 'L-peptide linking' y PHENYLALANINE   ? 'C9 H11 N O2'    165.189 
SER 'L-peptide linking' y SERINE          ? 'C3 H7 N O3'     105.093 
THR 'L-peptide linking' y THREONINE       ? 'C4 H9 N O3'     119.119 
TRP 'L-peptide linking' y TRYPTOPHAN      ? 'C11 H12 N2 O2'  204.225 
VAL 'L-peptide linking' y VALINE          ? 'C5 H11 N O2'    117.146 
# 
loop_
_pdbx_poly_seq_scheme.asym_id 
_pdbx_poly_seq_scheme.entity_id 
_pdbx_poly_seq_scheme.seq_id 
_pdbx_poly_seq_scheme.mon_id 
_pdbx_poly_seq_scheme.ndb_seq_num 
_pdbx_poly_seq_scheme.pdb_seq_num 
_pdbx_poly_seq_scheme.auth_seq_num 
_pdbx_poly_seq_scheme.pdb_mon_id 
_pdbx_poly_seq_scheme.auth_mon_id 
_pdbx_poly_seq_scheme.pdb_strand_id 
_pdbx_poly_seq_scheme.pdb_ins_code 
_pdbx_poly_seq_scheme.hetero 
A 1 1  MET 1  1  1  MET MET A . n 
A 1 2  GLN 2  2  2  GLN GLN A . n 
A 1 3  SER 3  3  3  SER SER A . n 
A 1 4  VAL 4  4  4  VAL VAL A . n 
A 1 5  ILE 5  5  5  ILE ILE A . n 
A 1 6  THR 6  6  6  THR THR A . n 
A 1 7  ASP 7  7  7  ASP ASP A . n 
A 1 8  VAL 8  8  8  VAL VAL A . n 
A 1 9  THR 9  9  9  THR THR A . n 
A 1 10 GLY 10 10 10 GLY GLY A . n 
A 1 11 GLN 11 11 11 GLN GLN A . n 
A 1 12 LEU 12 12 12 LEU LEU A . n 
A 1 13 THR 13 13 13 THR THR A . n 
A 1 14 ALA 14 14 14 ALA ALA A . n 
A 1 15 VAL 15 15 15 VAL VAL A . n 
A 1 16 GLN 16 16 16 GLN GLN A . n 
A 1 17 ALA 17 17 17 ALA ALA A . n 
A 1 18 ASP 18 18 18 ASP ASP A . n 
A 1 19 ILE 19 19 19 ILE ILE A . n 
A 1 20 THR 20 20 20 THR THR A . n 
A 1 21 THR 21 21 21 THR THR A . n 
A 1 22 ILE 22 22 22 ILE ILE A . n 
A 1 23 GLY 23 23 23 GLY GLY A . n 
A 1 24 GLY 24 24 24 GLY GLY A . n 
A 1 25 ALA 25 25 25 ALA ALA A . n 
A 1 26 ILE 26 26 26 ILE ILE A . n 
A 1 27 ILE 27 27 27 ILE ILE A . n 
A 1 28 VAL 28 28 28 VAL VAL A . n 
A 1 29 LEU 29 29 29 LEU LEU A . n 
A 1 30 ALA 30 30 30 ALA ALA A . n 
A 1 31 ALA 31 31 31 ALA ALA A . n 
A 1 32 VAL 32 32 32 VAL VAL A . n 
A 1 33 VAL 33 33 33 VAL VAL A . n 
A 1 34 LEU 34 34 34 LEU LEU A . n 
A 1 35 GLY 35 35 35 GLY GLY A . n 
A 1 36 ILE 36 36 36 ILE ILE A . n 
A 1 37 ARG 37 37 37 ARG ARG A . n 
A 1 38 TRP 38 38 38 TRP TRP A . n 
A 1 39 ILE 39 39 39 ILE ILE A . n 
A 1 40 LYS 40 40 40 LYS LYS A . n 
A 1 41 ALA 41 41 41 ALA ALA A . n 
A 1 42 GLN 42 42 42 GLN GLN A . n 
A 1 43 PHE 43 43 43 PHE PHE A . n 
A 1 44 PHE 44 44 44 PHE PHE A . n 
# 
loop_
_software.name 
_software.classification 
_software.version 
_software.citation_id 
_software.pdbx_ordinal 
X-PLOR        'model building' .          ? 1 
X-PLOR        refinement       .          ? 2 
CCP13         'data reduction' '(LSQINT)' ? 3 
CCP13-FDSCALE 'data scaling'   .          ? 4 
X-PLOR        phasing          .          ? 5 
# 
_cell.entry_id           1IFP 
_cell.length_a           1.000 
_cell.length_b           1.000 
_cell.length_c           1.000 
_cell.angle_alpha        90.00 
_cell.angle_beta         90.00 
_cell.angle_gamma        90.00 
_cell.Z_PDB              1 
_cell.pdbx_unique_axis   ? 
_cell.length_a_esd       ? 
_cell.length_b_esd       ? 
_cell.length_c_esd       ? 
_cell.angle_alpha_esd    ? 
_cell.angle_beta_esd     ? 
_cell.angle_gamma_esd    ? 
# 
_symmetry.entry_id                         1IFP 
_symmetry.space_group_name_H-M             'P 1' 
_symmetry.pdbx_full_space_group_name_H-M   ? 
_symmetry.cell_setting                     ? 
_symmetry.Int_Tables_number                1 
_symmetry.space_group_name_Hall            ? 
# 
_exptl.entry_id          1IFP 
_exptl.method            'FIBER DIFFRACTION' 
_exptl.crystals_number   1 
# 
_exptl_crystal.id                    1 
_exptl_crystal.density_meas          ? 
_exptl_crystal.density_Matthews      ? 
_exptl_crystal.density_percent_sol   ? 
_exptl_crystal.description           ? 
_exptl_crystal.F_000                 ? 
_exptl_crystal.preparation           ? 
# 
_exptl_crystal_grow.crystal_id      1 
_exptl_crystal_grow.method          ? 
_exptl_crystal_grow.temp            ? 
_exptl_crystal_grow.temp_details    ? 
_exptl_crystal_grow.pH              7.0 
_exptl_crystal_grow.pdbx_pH_range   ? 
_exptl_crystal_grow.pdbx_details    'pH 7.0' 
# 
_diffrn.id                     1 
_diffrn.ambient_temp           298 
_diffrn.ambient_temp_details   ? 
_diffrn.crystal_id             1 
# 
_diffrn_detector.diffrn_id              1 
_diffrn_detector.detector               'IMAGE PLATE' 
_diffrn_detector.type                   MARRESEARCH 
_diffrn_detector.pdbx_collection_date   1995-12 
_diffrn_detector.details                MIRRORS 
# 
_diffrn_radiation.diffrn_id                        1 
_diffrn_radiation.wavelength_id                    1 
_diffrn_radiation.pdbx_monochromatic_or_laue_m_l   M 
_diffrn_radiation.monochromator                    'GE(111)' 
_diffrn_radiation.pdbx_diffrn_protocol             ? 
_diffrn_radiation.pdbx_scattering_type             ? 
# 
_diffrn_radiation_wavelength.id           1 
_diffrn_radiation_wavelength.wavelength   1.488 
_diffrn_radiation_wavelength.wt           1.0 
# 
_diffrn_source.diffrn_id                   1 
_diffrn_source.source                      SYNCHROTRON 
_diffrn_source.type                        'SRS BEAMLINE PX7.2' 
_diffrn_source.pdbx_synchrotron_site       SRS 
_diffrn_source.pdbx_synchrotron_beamline   PX7.2 
_diffrn_source.pdbx_wavelength             1.488 
_diffrn_source.pdbx_wavelength_list        ? 
# 
_reflns.entry_id                     1IFP 
_reflns.observed_criterion_sigma_I   ? 
_reflns.observed_criterion_sigma_F   ? 
_reflns.d_resolution_low             60.0 
_reflns.d_resolution_high            3.1 
_reflns.number_obs                   ? 
_reflns.number_all                   ? 
_reflns.percent_possible_obs         ? 
_reflns.pdbx_Rmerge_I_obs            ? 
_reflns.pdbx_Rsym_value              ? 
_reflns.pdbx_netI_over_sigmaI        ? 
_reflns.B_iso_Wilson_estimate        ? 
_reflns.pdbx_redundancy              ? 
_reflns.R_free_details               ? 
_reflns.limit_h_max                  ? 
_reflns.limit_h_min                  ? 
_reflns.limit_k_max                  ? 
_reflns.limit_k_min                  ? 
_reflns.limit_l_max                  ? 
_reflns.limit_l_min                  ? 
_reflns.observed_criterion_F_max     ? 
_reflns.observed_criterion_F_min     ? 
_reflns.pdbx_chi_squared             ? 
_reflns.pdbx_scaling_rejects         ? 
_reflns.pdbx_diffrn_id               1 
_reflns.pdbx_ordinal                 1 
# 
_refine.entry_id                                 1IFP 
_refine.ls_number_reflns_obs                     1734 
_refine.ls_number_reflns_all                     ? 
_refine.pdbx_ls_sigma_I                          ? 
_refine.pdbx_ls_sigma_F                          ? 
_refine.pdbx_data_cutoff_high_absF               ? 
_refine.pdbx_data_cutoff_low_absF                ? 
_refine.pdbx_data_cutoff_high_rms_absF           ? 
_refine.ls_d_res_low                             12.0 
_refine.ls_d_res_high                            3.1 
_refine.ls_percent_reflns_obs                    ? 
_refine.ls_R_factor_obs                          0.17 
_refine.ls_R_factor_all                          ? 
_refine.ls_R_factor_R_work                       0.17 
_refine.ls_R_factor_R_free                       0.39 
_refine.ls_R_factor_R_free_error                 0.01 
_refine.ls_R_factor_R_free_error_details         ? 
_refine.ls_percent_reflns_R_free                 12.2 
_refine.ls_number_reflns_R_free                  211 
_refine.ls_number_parameters                     ? 
_refine.ls_number_restraints                     ? 
_refine.occupancy_min                            ? 
_refine.occupancy_max                            ? 
_refine.B_iso_mean                               19.0 
_refine.aniso_B[1][1]                            ? 
_refine.aniso_B[2][2]                            ? 
_refine.aniso_B[3][3]                            ? 
_refine.aniso_B[1][2]                            ? 
_refine.aniso_B[1][3]                            ? 
_refine.aniso_B[2][3]                            ? 
_refine.solvent_model_details                    ? 
_refine.solvent_model_param_ksol                 ? 
_refine.solvent_model_param_bsol                 ? 
_refine.pdbx_ls_cross_valid_method               'A POSTERIORI' 
_refine.details                                  
;MODEL REFINED WITH A VERSION OF X-PLOR 3.1 MODIFIED FOR USE WITH FIBRE DIFFRACTION DATA BY WANG & STUBBS (1993) ACTA CRYST. A49, 504-513.
;
_refine.pdbx_starting_model                      1IFN 
_refine.pdbx_method_to_determine_struct          'MOLECULAR REPLACEMENT' 
_refine.pdbx_isotropic_thermal_model             ? 
_refine.pdbx_stereochemistry_target_values       ? 
_refine.pdbx_stereochem_target_val_spec_case     ? 
_refine.pdbx_R_Free_selection_details            ? 
_refine.pdbx_overall_ESU_R                       ? 
_refine.pdbx_overall_ESU_R_Free                  ? 
_refine.overall_SU_ML                            ? 
_refine.overall_SU_B                             ? 
_refine.pdbx_refine_id                           'X-RAY DIFFRACTION' 
_refine.ls_redundancy_reflns_obs                 ? 
_refine.pdbx_overall_phase_error                 ? 
_refine.B_iso_min                                ? 
_refine.B_iso_max                                ? 
_refine.correlation_coeff_Fo_to_Fc               ? 
_refine.correlation_coeff_Fo_to_Fc_free          ? 
_refine.pdbx_solvent_vdw_probe_radii             ? 
_refine.pdbx_solvent_ion_probe_radii             ? 
_refine.pdbx_solvent_shrinkage_radii             ? 
_refine.overall_SU_R_Cruickshank_DPI             ? 
_refine.overall_SU_R_free                        ? 
_refine.ls_wR_factor_R_free                      ? 
_refine.ls_wR_factor_R_work                      ? 
_refine.overall_FOM_free_R_set                   ? 
_refine.overall_FOM_work_R_set                   ? 
_refine.pdbx_diffrn_id                           1 
_refine.pdbx_TLS_residual_ADP_flag               ? 
_refine.pdbx_overall_SU_R_free_Cruickshank_DPI   ? 
_refine.pdbx_overall_SU_R_Blow_DPI               ? 
_refine.pdbx_overall_SU_R_free_Blow_DPI          ? 
# 
_refine_hist.pdbx_refine_id                   'FIBER DIFFRACTION' 
_refine_hist.cycle_id                         LAST 
_refine_hist.pdbx_number_atoms_protein        326 
_refine_hist.pdbx_number_atoms_nucleic_acid   0 
_refine_hist.pdbx_number_atoms_ligand         0 
_refine_hist.number_atoms_solvent             0 
_refine_hist.number_atoms_total               326 
_refine_hist.d_res_high                       3.1 
_refine_hist.d_res_low                        12.0 
# 
loop_
_refine_ls_restr.type 
_refine_ls_restr.dev_ideal 
_refine_ls_restr.dev_ideal_target 
_refine_ls_restr.weight 
_refine_ls_restr.number 
_refine_ls_restr.pdbx_refine_id 
_refine_ls_restr.pdbx_restraint_function 
x_bond_d                0.017 ? ? ? 'X-RAY DIFFRACTION' ? 
x_bond_d_na             ?     ? ? ? 'X-RAY DIFFRACTION' ? 
x_bond_d_prot           ?     ? ? ? 'X-RAY DIFFRACTION' ? 
x_angle_d               ?     ? ? ? 'X-RAY DIFFRACTION' ? 
x_angle_d_na            ?     ? ? ? 'X-RAY DIFFRACTION' ? 
x_angle_d_prot          ?     ? ? ? 'X-RAY DIFFRACTION' ? 
x_angle_deg             2.4   ? ? ? 'X-RAY DIFFRACTION' ? 
x_angle_deg_na          ?     ? ? ? 'X-RAY DIFFRACTION' ? 
x_angle_deg_prot        ?     ? ? ? 'X-RAY DIFFRACTION' ? 
x_dihedral_angle_d      16.1  ? ? ? 'X-RAY DIFFRACTION' ? 
x_dihedral_angle_d_na   ?     ? ? ? 'X-RAY DIFFRACTION' ? 
x_dihedral_angle_d_prot ?     ? ? ? 'X-RAY DIFFRACTION' ? 
x_improper_angle_d      2.4   ? ? ? 'X-RAY DIFFRACTION' ? 
x_improper_angle_d_na   ?     ? ? ? 'X-RAY DIFFRACTION' ? 
x_improper_angle_d_prot ?     ? ? ? 'X-RAY DIFFRACTION' ? 
x_mcbond_it             ?     ? ? ? 'X-RAY DIFFRACTION' ? 
x_mcangle_it            ?     ? ? ? 'X-RAY DIFFRACTION' ? 
x_scbond_it             ?     ? ? ? 'X-RAY DIFFRACTION' ? 
x_scangle_it            ?     ? ? ? 'X-RAY DIFFRACTION' ? 
# 
_refine_ls_restr_ncs.dom_id              1 
_refine_ls_restr_ncs.ncs_model_details   'STRICT NCS WAS IMPOSED ON THE MODEL THROUGHOUT THE REFINEMENT.' 
_refine_ls_restr_ncs.rms_dev_position    ? 
_refine_ls_restr_ncs.weight_position     ? 
_refine_ls_restr_ncs.rms_dev_B_iso       ? 
_refine_ls_restr_ncs.weight_B_iso        ? 
_refine_ls_restr_ncs.pdbx_type           . 
_refine_ls_restr_ncs.pdbx_ens_id         1 
_refine_ls_restr_ncs.pdbx_refine_id      'X-RAY DIFFRACTION' 
_refine_ls_restr_ncs.pdbx_ordinal        1 
_refine_ls_restr_ncs.pdbx_auth_asym_id   . 
_refine_ls_restr_ncs.pdbx_number         ? 
_refine_ls_restr_ncs.pdbx_asym_id        ? 
_refine_ls_restr_ncs.pdbx_rms            ? 
_refine_ls_restr_ncs.pdbx_weight         ? 
# 
_refine_ls_shell.pdbx_total_number_of_bins_used   4 
_refine_ls_shell.d_res_high                       3.10 
_refine_ls_shell.d_res_low                        3.43 
_refine_ls_shell.number_reflns_R_work             112 
_refine_ls_shell.R_factor_R_work                  0.251 
_refine_ls_shell.percent_reflns_obs               ? 
_refine_ls_shell.R_factor_R_free                  ? 
_refine_ls_shell.R_factor_R_free_error            ? 
_refine_ls_shell.percent_reflns_R_free            ? 
_refine_ls_shell.number_reflns_R_free             ? 
_refine_ls_shell.pdbx_refine_id                   'X-RAY DIFFRACTION' 
_refine_ls_shell.redundancy_reflns_obs            ? 
_refine_ls_shell.number_reflns_all                ? 
_refine_ls_shell.number_reflns_obs                ? 
_refine_ls_shell.R_factor_all                     ? 
# 
loop_
_pdbx_xplor_file.serial_no 
_pdbx_xplor_file.param_file 
_pdbx_xplor_file.topol_file 
_pdbx_xplor_file.pdbx_refine_id 
1 PARHCSDX.PRO TOPHCSDX.PRO 'X-RAY DIFFRACTION' 
2 ?            TOPH19.PEP   'X-RAY DIFFRACTION' 
# 
_struct_ncs_dom.id            1 
_struct_ncs_dom.pdbx_ens_id   1 
_struct_ncs_dom.details       ? 
# 
_struct_ncs_ens.id        1 
_struct_ncs_ens.details   ? 
# 
_struct.entry_id                  1IFP 
_struct.title                     'INOVIRUS (FILAMENTOUS BACTERIOPHAGE) STRAIN PF3 MAJOR COAT PROTEIN ASSEMBLY' 
_struct.pdbx_model_details        ? 
_struct.pdbx_CASP_flag            ? 
_struct.pdbx_model_type_details   ? 
# 
_struct_keywords.entry_id        1IFP 
_struct_keywords.pdbx_keywords   VIRUS 
_struct_keywords.text            'VIRUS COAT PROTEIN, Helical virus, Virus' 
# 
_struct_asym.id                            A 
_struct_asym.pdbx_blank_PDB_chainid_flag   Y 
_struct_asym.pdbx_modified                 N 
_struct_asym.entity_id                     1 
_struct_asym.details                       ? 
# 
_struct_ref.id                         1 
_struct_ref.db_name                    UNP 
_struct_ref.db_code                    COAT1_BPPF3 
_struct_ref.entity_id                  1 
_struct_ref.pdbx_db_accession          P03623 
_struct_ref.pdbx_align_begin           1 
_struct_ref.pdbx_seq_one_letter_code   MQSVITDVTGQLTAVQADITTIGGAIIVLAAVVLGIRWIKAQFF 
_struct_ref.pdbx_db_isoform            ? 
# 
_struct_ref_seq.align_id                      1 
_struct_ref_seq.ref_id                        1 
_struct_ref_seq.pdbx_PDB_id_code              1IFP 
_struct_ref_seq.pdbx_strand_id                A 
_struct_ref_seq.seq_align_beg                 1 
_struct_ref_seq.pdbx_seq_align_beg_ins_code   ? 
_struct_ref_seq.seq_align_end                 44 
_struct_ref_seq.pdbx_seq_align_end_ins_code   ? 
_struct_ref_seq.pdbx_db_accession             P03623 
_struct_ref_seq.db_align_beg                  1 
_struct_ref_seq.pdbx_db_align_beg_ins_code    ? 
_struct_ref_seq.db_align_end                  44 
_struct_ref_seq.pdbx_db_align_end_ins_code    ? 
_struct_ref_seq.pdbx_auth_seq_align_beg       1 
_struct_ref_seq.pdbx_auth_seq_align_end       44 
# 
loop_
_pdbx_struct_assembly.id 
_pdbx_struct_assembly.details 
_pdbx_struct_assembly.method_details 
_pdbx_struct_assembly.oligomeric_details 
_pdbx_struct_assembly.oligomeric_count 
1 'representative helical assembly'            ? helical   35 
2 'helical asymmetric unit'                    ? monomeric 1  
3 'helical asymmetric unit, std helical frame' ? monomeric 1  
# 
loop_
_pdbx_struct_assembly_gen.assembly_id 
_pdbx_struct_assembly_gen.oper_expression 
_pdbx_struct_assembly_gen.asym_id_list 
1 '(1-35)' A 
2 1        A 
3 H        A 
# 
loop_
_pdbx_struct_oper_list.id 
_pdbx_struct_oper_list.type 
_pdbx_struct_oper_list.name 
_pdbx_struct_oper_list.symmetry_operation 
_pdbx_struct_oper_list.matrix[1][1] 
_pdbx_struct_oper_list.matrix[1][2] 
_pdbx_struct_oper_list.matrix[1][3] 
_pdbx_struct_oper_list.vector[1] 
_pdbx_struct_oper_list.matrix[2][1] 
_pdbx_struct_oper_list.matrix[2][2] 
_pdbx_struct_oper_list.matrix[2][3] 
_pdbx_struct_oper_list.vector[2] 
_pdbx_struct_oper_list.matrix[3][1] 
_pdbx_struct_oper_list.matrix[3][2] 
_pdbx_struct_oper_list.matrix[3][3] 
_pdbx_struct_oper_list.vector[3] 
H  'identity operation'         1_555 x,y,z 1.00000000 0.00000000  0.00000000  0.00000   0.00000000  1.00000000  0.00000000  0.00000   0.00000000  0.00000000  1.00000000  0.00000   
1  'helical symmetry operation' ?     ?     0.93032115 -0.29240345 -0.22136570 -46.55006 0.36346662  0.81564158  0.45013423  -1.50264  0.04893426  -0.49922844 0.86508751  21.08271  
2  'helical symmetry operation' ?     ?     0.95407768 0.29448685  0.05489327  -34.10586 -0.24765218 0.87849733  -0.40854723 -21.13351 -0.16853537 0.37619136  0.91108501  25.76502  
3  'helical symmetry operation' ?     ?     0.61051165 0.74993079  -0.25471423 -36.53841 -0.35270436 -0.03052020 -0.93523695 -38.52602 -0.70913691 0.66081187  0.24587093  9.83591   
4  'helical symmetry operation' ?     ?     0.30362976 0.53836203  -0.78611405 -48.25545 0.17184320  -0.84247769 -0.51058913 -32.45016 -0.93716535 0.01994170  -0.34831515 -9.86049  
5  'helical symmetry operation' ?     ?     0.39430104 -0.09143117 -0.91442169 -52.74689 0.70916372  -0.60257683 0.36604369  -9.27289  -0.58447713 -0.79280610 -0.17275701 -12.05001 
6  'helical symmetry operation' ?     ?     0.77590318 -0.39886140 -0.48875743 -41.99937 0.62741041  0.40707779  0.66381009  4.52894   -0.06580593 -0.82170387 0.56610275  3.95479   
7  'helical symmetry operation' ?     ?     0.99970200 -0.02241484 -0.00966905 -25.91935 0.02271876  0.99921154  0.03256014  -6.49678  0.00893160  -0.03277011 0.99942301  17.44627  
8  'helical symmetry operation' ?     ?     0.80252763 0.59523690  -0.04052690 -20.68391 -0.39384130 0.47752157  -0.78540574 -28.60686 -0.44815001 0.64627098  0.61765313  10.67225  
9  'helical symmetry operation' ?     ?     0.41624168 0.72778381  -0.54504457 -29.71773 -0.13242780 -0.54452563 -0.82822383 -35.02382 -0.89955864 0.41692033  -0.13027545 -10.28881 
10 'helical symmetry operation' ?     ?     0.29508611 0.21936113  -0.92994886 -39.66597 0.49955748  -0.86508272 -0.04554342 -17.42402 -0.81447315 -0.45112368 -0.36485739 -22.67560 
11 'helical symmetry operation' ?     ?     0.58153038 -0.33216596 -0.74262251 -36.09851 0.75894943  -0.10719972 0.64226473  4.27434   -0.29294740 -0.93710939 0.18975727  -13.80948 
12 'helical symmetry operation' ?     ?     0.93873849 -0.27824485 -0.20334662 -20.47862 0.34072346  0.83791242  0.42639218  5.33346   0.05174523  -0.46955572 0.88138519  3.99643   
13 'helical symmetry operation' ?     ?     0.94666172 0.31771745  0.05373266  -8.44229  -0.26331949 0.85887596  -0.43931188 -14.71430 -0.18572675 0.40173088  0.89672620  7.91653   
14 'helical symmetry operation' ?     ?     0.59598298 0.75491603  -0.27368972 -11.41153 -0.34287230 -0.06896058 -0.93684739 -31.51658 -0.72611492 0.65218572  0.21774046  -8.54617  
15 'helical symmetry operation' ?     ?     0.29907296 0.51923966  -0.80059074 -23.16297 0.19561290  -0.85453421 -0.48115161 -24.53742 -0.93396518 -0.01270644 -0.35713805 -27.92008 
16 'helical symmetry operation' ?     ?     0.40507455 -0.11217474 -0.90737613 -27.14606 0.71891975  -0.57407196 0.39191296  -1.20599  -0.56486193 -0.81108459 -0.15189730 -29.31026 
17 'helical symmetry operation' ?     ?     0.78933820 -0.39683337 -0.46847464 -15.94523 0.61168045  0.44262456  0.65569088  11.81957  -0.05284164 -0.80411863 0.59211568  -12.96922 
18 'identity operation'         1_555 x,y,z 1.00000000 0.00000000  0.00000000  0.00000   0.00000000  1.00000000  0.00000000  0.00000   0.00000000  0.00000000  1.00000000  -0.00000  
19 'helical symmetry operation' ?     ?     0.78933820 0.61168045  -0.05284164 4.67107   -0.39683337 0.44262456  -0.80411863 -21.98802 -0.46847464 0.65569088  0.59211568  -7.54064  
20 'helical symmetry operation' ?     ?     0.40507455 0.71891975  -0.56486193 -4.69306  -0.11217474 -0.57407196 -0.81108459 -27.51053 -0.90737613 0.39191296  -0.15189730 -28.61119 
21 'helical symmetry operation' ?     ?     0.29907296 0.19561290  -0.93396518 -14.34913 0.51923966  -0.85453421 -0.01270644 -9.29570  -0.80059074 -0.48115161 -0.35713805 -40.32160 
22 'helical symmetry operation' ?     ?     0.59598298 -0.34287230 -0.72611492 -10.21059 0.75491603  -0.06896058 0.65218572  12.01504  -0.27368972 -0.93684739 0.21774046  -30.78859 
23 'helical symmetry operation' ?     ?     0.94666172 -0.26331949 -0.18572675 5.58775   0.31771745  0.85887596  0.40173088  12.13971  0.05373266  -0.43931188 0.89672620  -13.10950 
24 'helical symmetry operation' ?     ?     0.93873849 0.34072346  0.05174523  17.20004  -0.27824485 0.83791242  -0.46955572 -8.29050  -0.20334662 0.42639218  0.88138519  -9.96080  
25 'helical symmetry operation' ?     ?     0.58153038 0.75894943  -0.29294740 13.70293  -0.33216596 -0.10719972 -0.93710939 -24.47349 -0.74262251 0.64226473  0.18975727  -26.93237 
26 'helical symmetry operation' ?     ?     0.29508611 0.49955748  -0.81447315 1.94051   0.21936113  -0.86508272 -0.45112368 -16.60154 -0.92994886 -0.04554342 -0.36485739 -45.95424 
27 'helical symmetry operation' ?     ?     0.41624168 -0.13242780 -0.89955864 -1.52376  0.72778381  -0.54452563 0.41692033  6.84633   -0.54504457 -0.82822383 -0.13027545 -46.54542 
28 'helical symmetry operation' ?     ?     0.80252763 -0.39384130 -0.44815001 10.11561  0.59523690  0.47752157  0.64627098  19.07505  -0.04052690 -0.78540574 0.61765313  -29.89800 
29 'helical symmetry operation' ?     ?     0.99970200 0.02271876  0.00893160  25.90340  -0.02241484 0.99921154  -0.03277011 6.48239   -0.00966905 0.03256014  0.99942301  -17.47529 
30 'helical symmetry operation' ?     ?     0.77590318 0.62741041  -0.06580593 30.00619  -0.39886140 0.40707779  -0.82170387 -15.34589 -0.48875743 0.66381009  0.56610275  -25.77267 
31 'helical symmetry operation' ?     ?     0.39430104 0.70916372  -0.58447713 20.33119  -0.09143117 -0.60257683 -0.79280610 -19.96366 -0.91442169 0.36604369  -0.17275701 -46.92034 
32 'helical symmetry operation' ?     ?     0.30362976 0.17184320  -0.93716535 10.98722  0.53836203  -0.84247769 0.01994170  -1.16300  -0.78611405 -0.51058913 -0.34831515 -57.93755 
33 'helical symmetry operation' ?     ?     0.61051165 -0.35270436 -0.70913691 15.69383  0.74993079  -0.03052020 0.66081187  19.72577  -0.25471423 -0.93523695 0.24587093  -47.75618 
34 'helical symmetry operation' ?     ?     0.95407768 -0.24765218 -0.16853537 31.64819  0.29448685  0.87849733  0.37619136  18.91688  0.05489327  -0.40854723 0.91108501  -30.23598 
35 'helical symmetry operation' ?     ?     0.93032115 0.36346662  0.04893426  42.82100  -0.29240345 0.81564158  -0.49922844 -1.86069  -0.22136570 0.45013423  0.86508751  -27.86659  
# 
_struct_biol.id        1 
_struct_biol.details   ? 
# 
_struct_conf.conf_type_id            HELX_P 
_struct_conf.id                      HELX_P1 
_struct_conf.pdbx_PDB_helix_id       1 
_struct_conf.beg_label_comp_id       GLN 
_struct_conf.beg_label_asym_id       A 
_struct_conf.beg_label_seq_id        2 
_struct_conf.pdbx_beg_PDB_ins_code   ? 
_struct_conf.end_label_comp_id       GLN 
_struct_conf.end_label_asym_id       A 
_struct_conf.end_label_seq_id        42 
_struct_conf.pdbx_end_PDB_ins_code   ? 
_struct_conf.beg_auth_comp_id        GLN 
_struct_conf.beg_auth_asym_id        A 
_struct_conf.beg_auth_seq_id         2 
_struct_conf.end_auth_comp_id        GLN 
_struct_conf.end_auth_asym_id        A 
_struct_conf.end_auth_seq_id         42 
_struct_conf.pdbx_PDB_helix_class    1 
_struct_conf.details                 ? 
_struct_conf.pdbx_PDB_helix_length   41 
# 
_struct_conf_type.id          HELX_P 
_struct_conf_type.criteria    ? 
_struct_conf_type.reference   ? 
# 
_pdbx_helical_symmetry.entry_id                  1IFP 
_pdbx_helical_symmetry.number_of_operations      35 
_pdbx_helical_symmetry.rotation_per_n_subunits   65.667000 
_pdbx_helical_symmetry.rise_per_n_subunits       2.900000 
_pdbx_helical_symmetry.n_subunits_divisor        1 
_pdbx_helical_symmetry.dyad_axis                 no 
_pdbx_helical_symmetry.circular_symmetry         1 
# 
loop_
_chem_comp_atom.comp_id 
_chem_comp_atom.atom_id 
_chem_comp_atom.type_symbol 
_chem_comp_atom.pdbx_aromatic_flag 
_chem_comp_atom.pdbx_stereo_config 
_chem_comp_atom.pdbx_ordinal 
ALA N    N N N 1   
ALA CA   C N S 2   
ALA C    C N N 3   
ALA O    O N N 4   
ALA CB   C N N 5   
ALA OXT  O N N 6   
ALA H    H N N 7   
ALA H2   H N N 8   
ALA HA   H N N 9   
ALA HB1  H N N 10  
ALA HB2  H N N 11  
ALA HB3  H N N 12  
ALA HXT  H N N 13  
ARG N    N N N 14  
ARG CA   C N S 15  
ARG C    C N N 16  
ARG O    O N N 17  
ARG CB   C N N 18  
ARG CG   C N N 19  
ARG CD   C N N 20  
ARG NE   N N N 21  
ARG CZ   C N N 22  
ARG NH1  N N N 23  
ARG NH2  N N N 24  
ARG OXT  O N N 25  
ARG H    H N N 26  
ARG H2   H N N 27  
ARG HA   H N N 28  
ARG HB2  H N N 29  
ARG HB3  H N N 30  
ARG HG2  H N N 31  
ARG HG3  H N N 32  
ARG HD2  H N N 33  
ARG HD3  H N N 34  
ARG HE   H N N 35  
ARG HH11 H N N 36  
ARG HH12 H N N 37  
ARG HH21 H N N 38  
ARG HH22 H N N 39  
ARG HXT  H N N 40  
ASP N    N N N 41  
ASP CA   C N S 42  
ASP C    C N N 43  
ASP O    O N N 44  
ASP CB   C N N 45  
ASP CG   C N N 46  
ASP OD1  O N N 47  
ASP OD2  O N N 48  
ASP OXT  O N N 49  
ASP H    H N N 50  
ASP H2   H N N 51  
ASP HA   H N N 52  
ASP HB2  H N N 53  
ASP HB3  H N N 54  
ASP HD2  H N N 55  
ASP HXT  H N N 56  
GLN N    N N N 57  
GLN CA   C N S 58  
GLN C    C N N 59  
GLN O    O N N 60  
GLN CB   C N N 61  
GLN CG   C N N 62  
GLN CD   C N N 63  
GLN OE1  O N N 64  
GLN NE2  N N N 65  
GLN OXT  O N N 66  
GLN H    H N N 67  
GLN H2   H N N 68  
GLN HA   H N N 69  
GLN HB2  H N N 70  
GLN HB3  H N N 71  
GLN HG2  H N N 72  
GLN HG3  H N N 73  
GLN HE21 H N N 74  
GLN HE22 H N N 75  
GLN HXT  H N N 76  
GLY N    N N N 77  
GLY CA   C N N 78  
GLY C    C N N 79  
GLY O    O N N 80  
GLY OXT  O N N 81  
GLY H    H N N 82  
GLY H2   H N N 83  
GLY HA2  H N N 84  
GLY HA3  H N N 85  
GLY HXT  H N N 86  
ILE N    N N N 87  
ILE CA   C N S 88  
ILE C    C N N 89  
ILE O    O N N 90  
ILE CB   C N S 91  
ILE CG1  C N N 92  
ILE CG2  C N N 93  
ILE CD1  C N N 94  
ILE OXT  O N N 95  
ILE H    H N N 96  
ILE H2   H N N 97  
ILE HA   H N N 98  
ILE HB   H N N 99  
ILE HG12 H N N 100 
ILE HG13 H N N 101 
ILE HG21 H N N 102 
ILE HG22 H N N 103 
ILE HG23 H N N 104 
ILE HD11 H N N 105 
ILE HD12 H N N 106 
ILE HD13 H N N 107 
ILE HXT  H N N 108 
LEU N    N N N 109 
LEU CA   C N S 110 
LEU C    C N N 111 
LEU O    O N N 112 
LEU CB   C N N 113 
LEU CG   C N N 114 
LEU CD1  C N N 115 
LEU CD2  C N N 116 
LEU OXT  O N N 117 
LEU H    H N N 118 
LEU H2   H N N 119 
LEU HA   H N N 120 
LEU HB2  H N N 121 
LEU HB3  H N N 122 
LEU HG   H N N 123 
LEU HD11 H N N 124 
LEU HD12 H N N 125 
LEU HD13 H N N 126 
LEU HD21 H N N 127 
LEU HD22 H N N 128 
LEU HD23 H N N 129 
LEU HXT  H N N 130 
LYS N    N N N 131 
LYS CA   C N S 132 
LYS C    C N N 133 
LYS O    O N N 134 
LYS CB   C N N 135 
LYS CG   C N N 136 
LYS CD   C N N 137 
LYS CE   C N N 138 
LYS NZ   N N N 139 
LYS OXT  O N N 140 
LYS H    H N N 141 
LYS H2   H N N 142 
LYS HA   H N N 143 
LYS HB2  H N N 144 
LYS HB3  H N N 145 
LYS HG2  H N N 146 
LYS HG3  H N N 147 
LYS HD2  H N N 148 
LYS HD3  H N N 149 
LYS HE2  H N N 150 
LYS HE3  H N N 151 
LYS HZ1  H N N 152 
LYS HZ2  H N N 153 
LYS HZ3  H N N 154 
LYS HXT  H N N 155 
MET N    N N N 156 
MET CA   C N S 157 
MET C    C N N 158 
MET O    O N N 159 
MET CB   C N N 160 
MET CG   C N N 161 
MET SD   S N N 162 
MET CE   C N N 163 
MET OXT  O N N 164 
MET H    H N N 165 
MET H2   H N N 166 
MET HA   H N N 167 
MET HB2  H N N 168 
MET HB3  H N N 169 
MET HG2  H N N 170 
MET HG3  H N N 171 
MET HE1  H N N 172 
MET HE2  H N N 173 
MET HE3  H N N 174 
MET HXT  H N N 175 
PHE N    N N N 176 
PHE CA   C N S 177 
PHE C    C N N 178 
PHE O    O N N 179 
PHE CB   C N N 180 
PHE CG   C Y N 181 
PHE CD1  C Y N 182 
PHE CD2  C Y N 183 
PHE CE1  C Y N 184 
PHE CE2  C Y N 185 
PHE CZ   C Y N 186 
PHE OXT  O N N 187 
PHE H    H N N 188 
PHE H2   H N N 189 
PHE HA   H N N 190 
PHE HB2  H N N 191 
PHE HB3  H N N 192 
PHE HD1  H N N 193 
PHE HD2  H N N 194 
PHE HE1  H N N 195 
PHE HE2  H N N 196 
PHE HZ   H N N 197 
PHE HXT  H N N 198 
SER N    N N N 199 
SER CA   C N S 200 
SER C    C N N 201 
SER O    O N N 202 
SER CB   C N N 203 
SER OG   O N N 204 
SER OXT  O N N 205 
SER H    H N N 206 
SER H2   H N N 207 
SER HA   H N N 208 
SER HB2  H N N 209 
SER HB3  H N N 210 
SER HG   H N N 211 
SER HXT  H N N 212 
THR N    N N N 213 
THR CA   C N S 214 
THR C    C N N 215 
THR O    O N N 216 
THR CB   C N R 217 
THR OG1  O N N 218 
THR CG2  C N N 219 
THR OXT  O N N 220 
THR H    H N N 221 
THR H2   H N N 222 
THR HA   H N N 223 
THR HB   H N N 224 
THR HG1  H N N 225 
THR HG21 H N N 226 
THR HG22 H N N 227 
THR HG23 H N N 228 
THR HXT  H N N 229 
TRP N    N N N 230 
TRP CA   C N S 231 
TRP C    C N N 232 
TRP O    O N N 233 
TRP CB   C N N 234 
TRP CG   C Y N 235 
TRP CD1  C Y N 236 
TRP CD2  C Y N 237 
TRP NE1  N Y N 238 
TRP CE2  C Y N 239 
TRP CE3  C Y N 240 
TRP CZ2  C Y N 241 
TRP CZ3  C Y N 242 
TRP CH2  C Y N 243 
TRP OXT  O N N 244 
TRP H    H N N 245 
TRP H2   H N N 246 
TRP HA   H N N 247 
TRP HB2  H N N 248 
TRP HB3  H N N 249 
TRP HD1  H N N 250 
TRP HE1  H N N 251 
TRP HE3  H N N 252 
TRP HZ2  H N N 253 
TRP HZ3  H N N 254 
TRP HH2  H N N 255 
TRP HXT  H N N 256 
VAL N    N N N 257 
VAL CA   C N S 258 
VAL C    C N N 259 
VAL O    O N N 260 
VAL CB   C N N 261 
VAL CG1  C N N 262 
VAL CG2  C N N 263 
VAL OXT  O N N 264 
VAL H    H N N 265 
VAL H2   H N N 266 
VAL HA   H N N 267 
VAL HB   H N N 268 
VAL HG11 H N N 269 
VAL HG12 H N N 270 
VAL HG13 H N N 271 
VAL HG21 H N N 272 
VAL HG22 H N N 273 
VAL HG23 H N N 274 
VAL HXT  H N N 275 
# 
loop_
_chem_comp_bond.comp_id 
_chem_comp_bond.atom_id_1 
_chem_comp_bond.atom_id_2 
_chem_comp_bond.value_order 
_chem_comp_bond.pdbx_aromatic_flag 
_chem_comp_bond.pdbx_stereo_config 
_chem_comp_bond.pdbx_ordinal 
ALA N   CA   sing N N 1   
ALA N   H    sing N N 2   
ALA N   H2   sing N N 3   
ALA CA  C    sing N N 4   
ALA CA  CB   sing N N 5   
ALA CA  HA   sing N N 6   
ALA C   O    doub N N 7   
ALA C   OXT  sing N N 8   
ALA CB  HB1  sing N N 9   
ALA CB  HB2  sing N N 10  
ALA CB  HB3  sing N N 11  
ALA OXT HXT  sing N N 12  
ARG N   CA   sing N N 13  
ARG N   H    sing N N 14  
ARG N   H2   sing N N 15  
ARG CA  C    sing N N 16  
ARG CA  CB   sing N N 17  
ARG CA  HA   sing N N 18  
ARG C   O    doub N N 19  
ARG C   OXT  sing N N 20  
ARG CB  CG   sing N N 21  
ARG CB  HB2  sing N N 22  
ARG CB  HB3  sing N N 23  
ARG CG  CD   sing N N 24  
ARG CG  HG2  sing N N 25  
ARG CG  HG3  sing N N 26  
ARG CD  NE   sing N N 27  
ARG CD  HD2  sing N N 28  
ARG CD  HD3  sing N N 29  
ARG NE  CZ   sing N N 30  
ARG NE  HE   sing N N 31  
ARG CZ  NH1  sing N N 32  
ARG CZ  NH2  doub N N 33  
ARG NH1 HH11 sing N N 34  
ARG NH1 HH12 sing N N 35  
ARG NH2 HH21 sing N N 36  
ARG NH2 HH22 sing N N 37  
ARG OXT HXT  sing N N 38  
ASP N   CA   sing N N 39  
ASP N   H    sing N N 40  
ASP N   H2   sing N N 41  
ASP CA  C    sing N N 42  
ASP CA  CB   sing N N 43  
ASP CA  HA   sing N N 44  
ASP C   O    doub N N 45  
ASP C   OXT  sing N N 46  
ASP CB  CG   sing N N 47  
ASP CB  HB2  sing N N 48  
ASP CB  HB3  sing N N 49  
ASP CG  OD1  doub N N 50  
ASP CG  OD2  sing N N 51  
ASP OD2 HD2  sing N N 52  
ASP OXT HXT  sing N N 53  
GLN N   CA   sing N N 54  
GLN N   H    sing N N 55  
GLN N   H2   sing N N 56  
GLN CA  C    sing N N 57  
GLN CA  CB   sing N N 58  
GLN CA  HA   sing N N 59  
GLN C   O    doub N N 60  
GLN C   OXT  sing N N 61  
GLN CB  CG   sing N N 62  
GLN CB  HB2  sing N N 63  
GLN CB  HB3  sing N N 64  
GLN CG  CD   sing N N 65  
GLN CG  HG2  sing N N 66  
GLN CG  HG3  sing N N 67  
GLN CD  OE1  doub N N 68  
GLN CD  NE2  sing N N 69  
GLN NE2 HE21 sing N N 70  
GLN NE2 HE22 sing N N 71  
GLN OXT HXT  sing N N 72  
GLY N   CA   sing N N 73  
GLY N   H    sing N N 74  
GLY N   H2   sing N N 75  
GLY CA  C    sing N N 76  
GLY CA  HA2  sing N N 77  
GLY CA  HA3  sing N N 78  
GLY C   O    doub N N 79  
GLY C   OXT  sing N N 80  
GLY OXT HXT  sing N N 81  
ILE N   CA   sing N N 82  
ILE N   H    sing N N 83  
ILE N   H2   sing N N 84  
ILE CA  C    sing N N 85  
ILE CA  CB   sing N N 86  
ILE CA  HA   sing N N 87  
ILE C   O    doub N N 88  
ILE C   OXT  sing N N 89  
ILE CB  CG1  sing N N 90  
ILE CB  CG2  sing N N 91  
ILE CB  HB   sing N N 92  
ILE CG1 CD1  sing N N 93  
ILE CG1 HG12 sing N N 94  
ILE CG1 HG13 sing N N 95  
ILE CG2 HG21 sing N N 96  
ILE CG2 HG22 sing N N 97  
ILE CG2 HG23 sing N N 98  
ILE CD1 HD11 sing N N 99  
ILE CD1 HD12 sing N N 100 
ILE CD1 HD13 sing N N 101 
ILE OXT HXT  sing N N 102 
LEU N   CA   sing N N 103 
LEU N   H    sing N N 104 
LEU N   H2   sing N N 105 
LEU CA  C    sing N N 106 
LEU CA  CB   sing N N 107 
LEU CA  HA   sing N N 108 
LEU C   O    doub N N 109 
LEU C   OXT  sing N N 110 
LEU CB  CG   sing N N 111 
LEU CB  HB2  sing N N 112 
LEU CB  HB3  sing N N 113 
LEU CG  CD1  sing N N 114 
LEU CG  CD2  sing N N 115 
LEU CG  HG   sing N N 116 
LEU CD1 HD11 sing N N 117 
LEU CD1 HD12 sing N N 118 
LEU CD1 HD13 sing N N 119 
LEU CD2 HD21 sing N N 120 
LEU CD2 HD22 sing N N 121 
LEU CD2 HD23 sing N N 122 
LEU OXT HXT  sing N N 123 
LYS N   CA   sing N N 124 
LYS N   H    sing N N 125 
LYS N   H2   sing N N 126 
LYS CA  C    sing N N 127 
LYS CA  CB   sing N N 128 
LYS CA  HA   sing N N 129 
LYS C   O    doub N N 130 
LYS C   OXT  sing N N 131 
LYS CB  CG   sing N N 132 
LYS CB  HB2  sing N N 133 
LYS CB  HB3  sing N N 134 
LYS CG  CD   sing N N 135 
LYS CG  HG2  sing N N 136 
LYS CG  HG3  sing N N 137 
LYS CD  CE   sing N N 138 
LYS CD  HD2  sing N N 139 
LYS CD  HD3  sing N N 140 
LYS CE  NZ   sing N N 141 
LYS CE  HE2  sing N N 142 
LYS CE  HE3  sing N N 143 
LYS NZ  HZ1  sing N N 144 
LYS NZ  HZ2  sing N N 145 
LYS NZ  HZ3  sing N N 146 
LYS OXT HXT  sing N N 147 
MET N   CA   sing N N 148 
MET N   H    sing N N 149 
MET N   H2   sing N N 150 
MET CA  C    sing N N 151 
MET CA  CB   sing N N 152 
MET CA  HA   sing N N 153 
MET C   O    doub N N 154 
MET C   OXT  sing N N 155 
MET CB  CG   sing N N 156 
MET CB  HB2  sing N N 157 
MET CB  HB3  sing N N 158 
MET CG  SD   sing N N 159 
MET CG  HG2  sing N N 160 
MET CG  HG3  sing N N 161 
MET SD  CE   sing N N 162 
MET CE  HE1  sing N N 163 
MET CE  HE2  sing N N 164 
MET CE  HE3  sing N N 165 
MET OXT HXT  sing N N 166 
PHE N   CA   sing N N 167 
PHE N   H    sing N N 168 
PHE N   H2   sing N N 169 
PHE CA  C    sing N N 170 
PHE CA  CB   sing N N 171 
PHE CA  HA   sing N N 172 
PHE C   O    doub N N 173 
PHE C   OXT  sing N N 174 
PHE CB  CG   sing N N 175 
PHE CB  HB2  sing N N 176 
PHE CB  HB3  sing N N 177 
PHE CG  CD1  doub Y N 178 
PHE CG  CD2  sing Y N 179 
PHE CD1 CE1  sing Y N 180 
PHE CD1 HD1  sing N N 181 
PHE CD2 CE2  doub Y N 182 
PHE CD2 HD2  sing N N 183 
PHE CE1 CZ   doub Y N 184 
PHE CE1 HE1  sing N N 185 
PHE CE2 CZ   sing Y N 186 
PHE CE2 HE2  sing N N 187 
PHE CZ  HZ   sing N N 188 
PHE OXT HXT  sing N N 189 
SER N   CA   sing N N 190 
SER N   H    sing N N 191 
SER N   H2   sing N N 192 
SER CA  C    sing N N 193 
SER CA  CB   sing N N 194 
SER CA  HA   sing N N 195 
SER C   O    doub N N 196 
SER C   OXT  sing N N 197 
SER CB  OG   sing N N 198 
SER CB  HB2  sing N N 199 
SER CB  HB3  sing N N 200 
SER OG  HG   sing N N 201 
SER OXT HXT  sing N N 202 
THR N   CA   sing N N 203 
THR N   H    sing N N 204 
THR N   H2   sing N N 205 
THR CA  C    sing N N 206 
THR CA  CB   sing N N 207 
THR CA  HA   sing N N 208 
THR C   O    doub N N 209 
THR C   OXT  sing N N 210 
THR CB  OG1  sing N N 211 
THR CB  CG2  sing N N 212 
THR CB  HB   sing N N 213 
THR OG1 HG1  sing N N 214 
THR CG2 HG21 sing N N 215 
THR CG2 HG22 sing N N 216 
THR CG2 HG23 sing N N 217 
THR OXT HXT  sing N N 218 
TRP N   CA   sing N N 219 
TRP N   H    sing N N 220 
TRP N   H2   sing N N 221 
TRP CA  C    sing N N 222 
TRP CA  CB   sing N N 223 
TRP CA  HA   sing N N 224 
TRP C   O    doub N N 225 
TRP C   OXT  sing N N 226 
TRP CB  CG   sing N N 227 
TRP CB  HB2  sing N N 228 
TRP CB  HB3  sing N N 229 
TRP CG  CD1  doub Y N 230 
TRP CG  CD2  sing Y N 231 
TRP CD1 NE1  sing Y N 232 
TRP CD1 HD1  sing N N 233 
TRP CD2 CE2  doub Y N 234 
TRP CD2 CE3  sing Y N 235 
TRP NE1 CE2  sing Y N 236 
TRP NE1 HE1  sing N N 237 
TRP CE2 CZ2  sing Y N 238 
TRP CE3 CZ3  doub Y N 239 
TRP CE3 HE3  sing N N 240 
TRP CZ2 CH2  doub Y N 241 
TRP CZ2 HZ2  sing N N 242 
TRP CZ3 CH2  sing Y N 243 
TRP CZ3 HZ3  sing N N 244 
TRP CH2 HH2  sing N N 245 
TRP OXT HXT  sing N N 246 
VAL N   CA   sing N N 247 
VAL N   H    sing N N 248 
VAL N   H2   sing N N 249 
VAL CA  C    sing N N 250 
VAL CA  CB   sing N N 251 
VAL CA  HA   sing N N 252 
VAL C   O    doub N N 253 
VAL C   OXT  sing N N 254 
VAL CB  CG1  sing N N 255 
VAL CB  CG2  sing N N 256 
VAL CB  HB   sing N N 257 
VAL CG1 HG11 sing N N 258 
VAL CG1 HG12 sing N N 259 
VAL CG1 HG13 sing N N 260 
VAL CG2 HG21 sing N N 261 
VAL CG2 HG22 sing N N 262 
VAL CG2 HG23 sing N N 263 
VAL OXT HXT  sing N N 264 
# 
_pdbx_initial_refinement_model.id               1 
_pdbx_initial_refinement_model.entity_id_list   ? 
_pdbx_initial_refinement_model.type             'experimental model' 
_pdbx_initial_refinement_model.source_name      PDB 
_pdbx_initial_refinement_model.accession_code   1IFN 
_pdbx_initial_refinement_model.details          ? 
# 
_atom_sites.entry_id                    1IFP 
_atom_sites.fract_transf_matrix[1][1]   1.000000 
_atom_sites.fract_transf_matrix[1][2]   0.000000 
_atom_sites.fract_transf_matrix[1][3]   0.000000 
_atom_sites.fract_transf_matrix[2][1]   0.000000 
_atom_sites.fract_transf_matrix[2][2]   1.000000 
_atom_sites.fract_transf_matrix[2][3]   0.000000 
_atom_sites.fract_transf_matrix[3][1]   0.000000 
_atom_sites.fract_transf_matrix[3][2]   0.000000 
_atom_sites.fract_transf_matrix[3][3]   1.000000 
_atom_sites.fract_transf_vector[1]      0.00000 
_atom_sites.fract_transf_vector[2]      0.00000 
_atom_sites.fract_transf_vector[3]      0.00000 
# 
loop_
_atom_type.symbol 
C 
N 
O 
S 
# 
loop_
_atom_site.group_PDB 
_atom_site.id 
_atom_site.type_symbol 
_atom_site.label_atom_id 
_atom_site.label_alt_id 
_atom_site.label_comp_id 
_atom_site.label_asym_id 
_atom_site.label_entity_id 
_atom_site.label_seq_id 
_atom_site.pdbx_PDB_ins_code 
_atom_site.Cartn_x 
_atom_site.Cartn_y 
_atom_site.Cartn_z 
_atom_site.occupancy 
_atom_site.B_iso_or_equiv 
_atom_site.pdbx_formal_charge 
_atom_site.auth_seq_id 
_atom_site.auth_comp_id 
_atom_site.auth_asym_id 
_atom_site.auth_atom_id 
_atom_site.pdbx_PDB_model_num 
ATOM 1   N N   . MET A 1 1  ? 30.084  -2.464 -13.167 1.00 2.00   ? 1  MET A N   1 
ATOM 2   C CA  . MET A 1 1  ? 30.861  -2.623 -11.912 1.00 2.00   ? 1  MET A CA  1 
ATOM 3   C C   . MET A 1 1  ? 29.927  -2.782 -10.744 1.00 2.00   ? 1  MET A C   1 
ATOM 4   O O   . MET A 1 1  ? 28.713  -2.768 -10.930 1.00 2.00   ? 1  MET A O   1 
ATOM 5   C CB  . MET A 1 1  ? 31.711  -1.390 -11.613 1.00 59.16  ? 1  MET A CB  1 
ATOM 6   C CG  . MET A 1 1  ? 33.157  -1.344 -12.174 1.00 59.16  ? 1  MET A CG  1 
ATOM 7   S SD  . MET A 1 1  ? 34.170  -0.102 -11.271 1.00 59.16  ? 1  MET A SD  1 
ATOM 8   C CE  . MET A 1 1  ? 34.660  -1.093 -9.801  1.00 59.16  ? 1  MET A CE  1 
ATOM 9   N N   . GLN A 1 2  ? 30.502  -2.963 -9.544  1.00 2.00   ? 2  GLN A N   1 
ATOM 10  C CA  . GLN A 1 2  ? 29.730  -3.041 -8.290  1.00 2.00   ? 2  GLN A CA  1 
ATOM 11  C C   . GLN A 1 2  ? 28.933  -1.755 -8.169  1.00 2.00   ? 2  GLN A C   1 
ATOM 12  O O   . GLN A 1 2  ? 27.780  -1.768 -7.754  1.00 2.00   ? 2  GLN A O   1 
ATOM 13  C CB  . GLN A 1 2  ? 30.663  -3.154 -7.076  1.00 34.90  ? 2  GLN A CB  1 
ATOM 14  C CG  . GLN A 1 2  ? 30.800  -4.563 -6.532  1.00 34.90  ? 2  GLN A CG  1 
ATOM 15  C CD  . GLN A 1 2  ? 29.626  -4.916 -5.626  1.00 34.90  ? 2  GLN A CD  1 
ATOM 16  O OE1 . GLN A 1 2  ? 28.487  -5.140 -6.087  1.00 34.90  ? 2  GLN A OE1 1 
ATOM 17  N NE2 . GLN A 1 2  ? 29.865  -4.903 -4.310  1.00 34.90  ? 2  GLN A NE2 1 
ATOM 18  N N   . SER A 1 3  ? 29.543  -0.679 -8.650  1.00 48.23  ? 3  SER A N   1 
ATOM 19  C CA  . SER A 1 3  ? 28.956  0.654  -8.644  1.00 48.23  ? 3  SER A CA  1 
ATOM 20  C C   . SER A 1 3  ? 27.483  0.499  -9.051  1.00 48.23  ? 3  SER A C   1 
ATOM 21  O O   . SER A 1 3  ? 26.588  0.750  -8.261  1.00 48.23  ? 3  SER A O   1 
ATOM 22  C CB  . SER A 1 3  ? 29.698  1.556  -9.672  1.00 2.00   ? 3  SER A CB  1 
ATOM 23  O OG  . SER A 1 3  ? 31.102  1.612  -9.447  1.00 2.00   ? 3  SER A OG  1 
ATOM 24  N N   . VAL A 1 4  ? 27.261  -0.095 -10.213 1.00 52.46  ? 4  VAL A N   1 
ATOM 25  C CA  . VAL A 1 4  ? 25.921  -0.307 -10.737 1.00 52.46  ? 4  VAL A CA  1 
ATOM 26  C C   . VAL A 1 4  ? 25.042  -1.053 -9.715  1.00 52.46  ? 4  VAL A C   1 
ATOM 27  O O   . VAL A 1 4  ? 24.087  -0.492 -9.201  1.00 52.46  ? 4  VAL A O   1 
ATOM 28  C CB  . VAL A 1 4  ? 25.963  -1.130 -12.078 1.00 47.00  ? 4  VAL A CB  1 
ATOM 29  C CG1 . VAL A 1 4  ? 24.570  -1.417 -12.567 1.00 47.00  ? 4  VAL A CG1 1 
ATOM 30  C CG2 . VAL A 1 4  ? 26.737  -0.357 -13.164 1.00 47.00  ? 4  VAL A CG2 1 
ATOM 31  N N   . ILE A 1 5  ? 25.478  -2.233 -9.291  1.00 18.62  ? 5  ILE A N   1 
ATOM 32  C CA  . ILE A 1 5  ? 24.688  -3.061 -8.391  1.00 18.62  ? 5  ILE A CA  1 
ATOM 33  C C   . ILE A 1 5  ? 24.301  -2.461 -7.036  1.00 18.62  ? 5  ILE A C   1 
ATOM 34  O O   . ILE A 1 5  ? 23.130  -2.112 -6.853  1.00 18.62  ? 5  ILE A O   1 
ATOM 35  C CB  . ILE A 1 5  ? 25.358  -4.456 -8.183  1.00 13.80  ? 5  ILE A CB  1 
ATOM 36  C CG1 . ILE A 1 5  ? 25.658  -5.118 -9.527  1.00 13.80  ? 5  ILE A CG1 1 
ATOM 37  C CG2 . ILE A 1 5  ? 24.413  -5.411 -7.457  1.00 13.80  ? 5  ILE A CG2 1 
ATOM 38  C CD1 . ILE A 1 5  ? 24.465  -5.236 -10.436 1.00 13.80  ? 5  ILE A CD1 1 
ATOM 39  N N   . THR A 1 6  ? 25.260  -2.224 -6.138  1.00 83.82  ? 6  THR A N   1 
ATOM 40  C CA  . THR A 1 6  ? 24.916  -1.688 -4.806  1.00 83.82  ? 6  THR A CA  1 
ATOM 41  C C   . THR A 1 6  ? 24.092  -0.413 -4.912  1.00 83.82  ? 6  THR A C   1 
ATOM 42  O O   . THR A 1 6  ? 23.289  -0.119 -4.036  1.00 83.82  ? 6  THR A O   1 
ATOM 43  C CB  . THR A 1 6  ? 26.183  -1.381 -3.925  1.00 2.00   ? 6  THR A CB  1 
ATOM 44  O OG1 . THR A 1 6  ? 26.944  -2.580 -3.688  1.00 2.00   ? 6  THR A OG1 1 
ATOM 45  C CG2 . THR A 1 6  ? 25.757  -0.766 -2.588  1.00 2.00   ? 6  THR A CG2 1 
ATOM 46  N N   . ASP A 1 7  ? 24.301  0.330  -5.995  1.00 45.69  ? 7  ASP A N   1 
ATOM 47  C CA  . ASP A 1 7  ? 23.599  1.580  -6.219  1.00 45.69  ? 7  ASP A CA  1 
ATOM 48  C C   . ASP A 1 7  ? 22.256  1.455  -6.870  1.00 45.69  ? 7  ASP A C   1 
ATOM 49  O O   . ASP A 1 7  ? 21.435  2.368  -6.778  1.00 45.69  ? 7  ASP A O   1 
ATOM 50  C CB  . ASP A 1 7  ? 24.523  2.558  -6.911  1.00 2.00   ? 7  ASP A CB  1 
ATOM 51  C CG  . ASP A 1 7  ? 25.822  2.799  -6.101  1.00 2.00   ? 7  ASP A CG  1 
ATOM 52  O OD1 . ASP A 1 7  ? 25.757  2.831  -4.840  1.00 2.00   ? 7  ASP A OD1 1 
ATOM 53  O OD2 . ASP A 1 7  ? 26.915  2.917  -6.708  1.00 2.00   ? 7  ASP A OD2 1 
ATOM 54  N N   . VAL A 1 8  ? 22.032  0.364  -7.587  1.00 27.61  ? 8  VAL A N   1 
ATOM 55  C CA  . VAL A 1 8  ? 20.720  0.145  -8.189  1.00 27.61  ? 8  VAL A CA  1 
ATOM 56  C C   . VAL A 1 8  ? 19.865  -0.348 -6.998  1.00 27.61  ? 8  VAL A C   1 
ATOM 57  O O   . VAL A 1 8  ? 18.694  -0.023 -6.894  1.00 27.61  ? 8  VAL A O   1 
ATOM 58  C CB  . VAL A 1 8  ? 20.761  -0.899 -9.334  1.00 2.00   ? 8  VAL A CB  1 
ATOM 59  C CG1 . VAL A 1 8  ? 19.371  -1.180 -9.841  1.00 2.00   ? 8  VAL A CG1 1 
ATOM 60  C CG2 . VAL A 1 8  ? 21.605  -0.396 -10.441 1.00 2.00   ? 8  VAL A CG2 1 
ATOM 61  N N   . THR A 1 9  ? 20.508  -1.038 -6.052  1.00 6.73   ? 9  THR A N   1 
ATOM 62  C CA  . THR A 1 9  ? 19.867  -1.559 -4.830  1.00 6.73   ? 9  THR A CA  1 
ATOM 63  C C   . THR A 1 9  ? 19.425  -0.454 -3.866  1.00 6.73   ? 9  THR A C   1 
ATOM 64  O O   . THR A 1 9  ? 18.313  -0.502 -3.309  1.00 6.73   ? 9  THR A O   1 
ATOM 65  C CB  . THR A 1 9  ? 20.810  -2.476 -4.047  1.00 205.09 ? 9  THR A CB  1 
ATOM 66  O OG1 . THR A 1 9  ? 21.355  -3.480 -4.905  1.00 205.09 ? 9  THR A OG1 1 
ATOM 67  C CG2 . THR A 1 9  ? 20.058  -3.141 -2.879  1.00 205.09 ? 9  THR A CG2 1 
ATOM 68  N N   . GLY A 1 10 ? 20.345  0.498  -3.624  1.00 2.00   ? 10 GLY A N   1 
ATOM 69  C CA  . GLY A 1 10 ? 20.063  1.605  -2.722  1.00 2.00   ? 10 GLY A CA  1 
ATOM 70  C C   . GLY A 1 10 ? 18.744  2.277  -3.016  1.00 2.00   ? 10 GLY A C   1 
ATOM 71  O O   . GLY A 1 10 ? 18.189  2.958  -2.161  1.00 2.00   ? 10 GLY A O   1 
ATOM 72  N N   . GLN A 1 11 ? 18.336  2.201  -4.286  1.00 40.56  ? 11 GLN A N   1 
ATOM 73  C CA  . GLN A 1 11 ? 17.076  2.728  -4.754  1.00 40.56  ? 11 GLN A CA  1 
ATOM 74  C C   . GLN A 1 11 ? 16.002  1.682  -4.655  1.00 40.56  ? 11 GLN A C   1 
ATOM 75  O O   . GLN A 1 11 ? 14.960  1.963  -4.136  1.00 40.56  ? 11 GLN A O   1 
ATOM 76  C CB  . GLN A 1 11 ? 17.158  3.209  -6.204  1.00 71.61  ? 11 GLN A CB  1 
ATOM 77  C CG  . GLN A 1 11 ? 17.987  4.469  -6.444  1.00 71.61  ? 11 GLN A CG  1 
ATOM 78  C CD  . GLN A 1 11 ? 17.733  5.556  -5.432  1.00 71.61  ? 11 GLN A CD  1 
ATOM 79  O OE1 . GLN A 1 11 ? 16.598  5.987  -5.229  1.00 71.61  ? 11 GLN A OE1 1 
ATOM 80  N NE2 . GLN A 1 11 ? 18.796  5.987  -4.763  1.00 71.61  ? 11 GLN A NE2 1 
ATOM 81  N N   . LEU A 1 12 ? 16.267  0.476  -5.153  1.00 2.00   ? 12 LEU A N   1 
ATOM 82  C CA  . LEU A 1 12 ? 15.247  -0.580 -5.127  1.00 2.00   ? 12 LEU A CA  1 
ATOM 83  C C   . LEU A 1 12 ? 14.572  -0.816 -3.810  1.00 2.00   ? 12 LEU A C   1 
ATOM 84  O O   . LEU A 1 12 ? 13.401  -1.183 -3.754  1.00 2.00   ? 12 LEU A O   1 
ATOM 85  C CB  . LEU A 1 12 ? 15.783  -1.877 -5.706  1.00 2.00   ? 12 LEU A CB  1 
ATOM 86  C CG  . LEU A 1 12 ? 15.619  -1.969 -7.229  1.00 2.00   ? 12 LEU A CG  1 
ATOM 87  C CD1 . LEU A 1 12 ? 15.860  -3.391 -7.645  1.00 2.00   ? 12 LEU A CD1 1 
ATOM 88  C CD2 . LEU A 1 12 ? 14.233  -1.529 -7.672  1.00 2.00   ? 12 LEU A CD2 1 
ATOM 89  N N   . THR A 1 13 ? 15.315  -0.599 -2.743  1.00 2.00   ? 13 THR A N   1 
ATOM 90  C CA  . THR A 1 13 ? 14.792  -0.712 -1.403  1.00 2.00   ? 13 THR A CA  1 
ATOM 91  C C   . THR A 1 13 ? 14.058  0.607  -1.091  1.00 2.00   ? 13 THR A C   1 
ATOM 92  O O   . THR A 1 13 ? 12.871  0.590  -0.767  1.00 2.00   ? 13 THR A O   1 
ATOM 93  C CB  . THR A 1 13 ? 15.915  -0.913 -0.404  1.00 39.33  ? 13 THR A CB  1 
ATOM 94  O OG1 . THR A 1 13 ? 16.732  -1.995 -0.849  1.00 39.33  ? 13 THR A OG1 1 
ATOM 95  C CG2 . THR A 1 13 ? 15.382  -1.226 0.964   1.00 39.33  ? 13 THR A CG2 1 
ATOM 96  N N   . ALA A 1 14 ? 14.742  1.738  -1.253  1.00 20.46  ? 14 ALA A N   1 
ATOM 97  C CA  . ALA A 1 14 ? 14.167  3.060  -0.991  1.00 20.46  ? 14 ALA A CA  1 
ATOM 98  C C   . ALA A 1 14 ? 12.806  3.268  -1.636  1.00 20.46  ? 14 ALA A C   1 
ATOM 99  O O   . ALA A 1 14 ? 11.930  3.897  -1.042  1.00 20.46  ? 14 ALA A O   1 
ATOM 100 C CB  . ALA A 1 14 ? 15.146  4.159  -1.403  1.00 2.00   ? 14 ALA A CB  1 
ATOM 101 N N   . VAL A 1 15 ? 12.610  2.733  -2.838  1.00 35.30  ? 15 VAL A N   1 
ATOM 102 C CA  . VAL A 1 15 ? 11.327  2.858  -3.505  1.00 35.30  ? 15 VAL A CA  1 
ATOM 103 C C   . VAL A 1 15 ? 10.255  1.919  -2.914  1.00 35.30  ? 15 VAL A C   1 
ATOM 104 O O   . VAL A 1 15 ? 9.077   2.257  -2.954  1.00 35.30  ? 15 VAL A O   1 
ATOM 105 C CB  . VAL A 1 15 ? 11.460  2.712  -5.043  1.00 2.00   ? 15 VAL A CB  1 
ATOM 106 C CG1 . VAL A 1 15 ? 10.133  2.300  -5.664  1.00 2.00   ? 15 VAL A CG1 1 
ATOM 107 C CG2 . VAL A 1 15 ? 11.869  4.058  -5.647  1.00 2.00   ? 15 VAL A CG2 1 
ATOM 108 N N   . GLN A 1 16 ? 10.647  0.777  -2.348  1.00 2.00   ? 16 GLN A N   1 
ATOM 109 C CA  . GLN A 1 16 ? 9.690   -0.159 -1.746  1.00 2.00   ? 16 GLN A CA  1 
ATOM 110 C C   . GLN A 1 16 ? 8.790   0.579  -0.747  1.00 2.00   ? 16 GLN A C   1 
ATOM 111 O O   . GLN A 1 16 ? 7.553   0.662  -0.907  1.00 2.00   ? 16 GLN A O   1 
ATOM 112 C CB  . GLN A 1 16 ? 10.403  -1.265 -0.946  1.00 98.52  ? 16 GLN A CB  1 
ATOM 113 C CG  . GLN A 1 16 ? 10.915  -2.479 -1.695  1.00 98.52  ? 16 GLN A CG  1 
ATOM 114 C CD  . GLN A 1 16 ? 11.175  -3.677 -0.770  1.00 98.52  ? 16 GLN A CD  1 
ATOM 115 O OE1 . GLN A 1 16 ? 12.077  -4.480 -1.008  1.00 98.52  ? 16 GLN A OE1 1 
ATOM 116 N NE2 . GLN A 1 16 ? 10.384  -3.794 0.290   1.00 98.52  ? 16 GLN A NE2 1 
ATOM 117 N N   . ALA A 1 17 ? 9.452   1.185  0.230   1.00 2.00   ? 17 ALA A N   1 
ATOM 118 C CA  . ALA A 1 17 ? 8.803   1.926  1.288   1.00 2.00   ? 17 ALA A CA  1 
ATOM 119 C C   . ALA A 1 17 ? 7.761   2.822  0.637   1.00 2.00   ? 17 ALA A C   1 
ATOM 120 O O   . ALA A 1 17 ? 6.637   2.870  1.101   1.00 2.00   ? 17 ALA A O   1 
ATOM 121 C CB  . ALA A 1 17 ? 9.816   2.768  2.033   1.00 100.50 ? 17 ALA A CB  1 
ATOM 122 N N   . ASP A 1 18 ? 8.093   3.460  -0.459  1.00 2.00   ? 18 ASP A N   1 
ATOM 123 C CA  . ASP A 1 18 ? 7.116   4.323  -1.095  1.00 2.00   ? 18 ASP A CA  1 
ATOM 124 C C   . ASP A 1 18 ? 5.883   3.577  -1.562  1.00 2.00   ? 18 ASP A C   1 
ATOM 125 O O   . ASP A 1 18 ? 4.761   4.065  -1.326  1.00 2.00   ? 18 ASP A O   1 
ATOM 126 C CB  . ASP A 1 18 ? 7.760   5.093  -2.267  1.00 2.00   ? 18 ASP A CB  1 
ATOM 127 C CG  . ASP A 1 18 ? 9.015   5.851  -1.867  1.00 2.00   ? 18 ASP A CG  1 
ATOM 128 O OD1 . ASP A 1 18 ? 9.013   6.478  -0.792  1.00 2.00   ? 18 ASP A OD1 1 
ATOM 129 O OD2 . ASP A 1 18 ? 9.965   5.840  -2.658  1.00 2.00   ? 18 ASP A OD2 1 
ATOM 130 N N   . ILE A 1 19 ? 6.111   2.475  -2.260  1.00 2.00   ? 19 ILE A N   1 
ATOM 131 C CA  . ILE A 1 19 ? 5.060   1.641  -2.781  1.00 2.00   ? 19 ILE A CA  1 
ATOM 132 C C   . ILE A 1 19 ? 4.148   1.200  -1.629  1.00 2.00   ? 19 ILE A C   1 
ATOM 133 O O   . ILE A 1 19 ? 2.942   1.537  -1.591  1.00 2.00   ? 19 ILE A O   1 
ATOM 134 C CB  . ILE A 1 19 ? 5.658   0.435  -3.567  1.00 26.58  ? 19 ILE A CB  1 
ATOM 135 C CG1 . ILE A 1 19 ? 6.533   0.968  -4.704  1.00 26.58  ? 19 ILE A CG1 1 
ATOM 136 C CG2 . ILE A 1 19 ? 4.628   -0.468 -4.129  1.00 26.58  ? 19 ILE A CG2 1 
ATOM 137 C CD1 . ILE A 1 19 ? 7.187   -0.113 -5.597  1.00 26.58  ? 19 ILE A CD1 1 
ATOM 138 N N   . THR A 1 20 ? 4.738   0.528  -0.647  1.00 24.86  ? 20 THR A N   1 
ATOM 139 C CA  . THR A 1 20 ? 3.999   0.060  0.524   1.00 24.86  ? 20 THR A CA  1 
ATOM 140 C C   . THR A 1 20 ? 3.284   1.168  1.304   1.00 24.86  ? 20 THR A C   1 
ATOM 141 O O   . THR A 1 20 ? 2.197   0.932  1.836   1.00 24.86  ? 20 THR A O   1 
ATOM 142 C CB  . THR A 1 20 ? 4.935   -0.706 1.493   1.00 18.67  ? 20 THR A CB  1 
ATOM 143 O OG1 . THR A 1 20 ? 5.513   -1.850 0.834   1.00 18.67  ? 20 THR A OG1 1 
ATOM 144 C CG2 . THR A 1 20 ? 4.091   -1.221 2.682   1.00 18.67  ? 20 THR A CG2 1 
ATOM 145 N N   . THR A 1 21 ? 3.913   2.336  1.427   1.00 14.22  ? 21 THR A N   1 
ATOM 146 C CA  . THR A 1 21 ? 3.280   3.418  2.144   1.00 14.22  ? 21 THR A CA  1 
ATOM 147 C C   . THR A 1 21 ? 2.026   3.811  1.372   1.00 14.22  ? 21 THR A C   1 
ATOM 148 O O   . THR A 1 21 ? 1.019   4.199  1.977   1.00 14.22  ? 21 THR A O   1 
ATOM 149 C CB  . THR A 1 21 ? 4.195   4.603  2.384   1.00 2.00   ? 21 THR A CB  1 
ATOM 150 O OG1 . THR A 1 21 ? 5.400   4.125  2.984   1.00 2.00   ? 21 THR A OG1 1 
ATOM 151 C CG2 . THR A 1 21 ? 3.549   5.579  3.369   1.00 2.00   ? 21 THR A CG2 1 
ATOM 152 N N   . ILE A 1 22 ? 2.079   3.753  0.050   1.00 2.00   ? 22 ILE A N   1 
ATOM 153 C CA  . ILE A 1 22 ? 0.904   4.095  -0.720  1.00 2.00   ? 22 ILE A CA  1 
ATOM 154 C C   . ILE A 1 22 ? -0.163  3.016  -0.630  1.00 2.00   ? 22 ILE A C   1 
ATOM 155 O O   . ILE A 1 22 ? -1.365  3.325  -0.523  1.00 2.00   ? 22 ILE A O   1 
ATOM 156 C CB  . ILE A 1 22 ? 1.223   4.489  -2.174  1.00 22.38  ? 22 ILE A CB  1 
ATOM 157 C CG1 . ILE A 1 22 ? 1.688   5.936  -2.200  1.00 22.38  ? 22 ILE A CG1 1 
ATOM 158 C CG2 . ILE A 1 22 ? 0.001   4.388  -3.100  1.00 22.38  ? 22 ILE A CG2 1 
ATOM 159 C CD1 . ILE A 1 22 ? 0.602   6.924  -1.838  1.00 22.38  ? 22 ILE A CD1 1 
ATOM 160 N N   . GLY A 1 23 ? 0.234   1.749  -0.570  1.00 2.00   ? 23 GLY A N   1 
ATOM 161 C CA  . GLY A 1 23 ? -0.754  0.678  -0.448  1.00 2.00   ? 23 GLY A CA  1 
ATOM 162 C C   . GLY A 1 23 ? -1.578  0.770  0.823   1.00 2.00   ? 23 GLY A C   1 
ATOM 163 O O   . GLY A 1 23 ? -2.816  0.690  0.794   1.00 2.00   ? 23 GLY A O   1 
ATOM 164 N N   . GLY A 1 24 ? -0.910  0.955  1.982   1.00 18.76  ? 24 GLY A N   1 
ATOM 165 C CA  . GLY A 1 24 ? -1.619  1.066  3.241   1.00 18.76  ? 24 GLY A CA  1 
ATOM 166 C C   . GLY A 1 24 ? -2.720  2.112  3.144   1.00 18.76  ? 24 GLY A C   1 
ATOM 167 O O   . GLY A 1 24 ? -3.876  1.870  3.426   1.00 18.76  ? 24 GLY A O   1 
ATOM 168 N N   . ALA A 1 25 ? -2.326  3.292  2.677   1.00 2.00   ? 25 ALA A N   1 
ATOM 169 C CA  . ALA A 1 25 ? -3.258  4.395  2.531   1.00 2.00   ? 25 ALA A CA  1 
ATOM 170 C C   . ALA A 1 25 ? -4.512  4.001  1.772   1.00 2.00   ? 25 ALA A C   1 
ATOM 171 O O   . ALA A 1 25 ? -5.616  4.341  2.178   1.00 2.00   ? 25 ALA A O   1 
ATOM 172 C CB  . ALA A 1 25 ? -2.558  5.568  1.831   1.00 2.00   ? 25 ALA A CB  1 
ATOM 173 N N   . ILE A 1 26 ? -4.343  3.274  0.683   1.00 2.00   ? 26 ILE A N   1 
ATOM 174 C CA  . ILE A 1 26 ? -5.494  2.848  -0.102  1.00 2.00   ? 26 ILE A CA  1 
ATOM 175 C C   . ILE A 1 26 ? -6.351  1.866  0.688   1.00 2.00   ? 26 ILE A C   1 
ATOM 176 O O   . ILE A 1 26 ? -7.575  1.986  0.721   1.00 2.00   ? 26 ILE A O   1 
ATOM 177 C CB  . ILE A 1 26 ? -5.082  2.239  -1.498  1.00 2.00   ? 26 ILE A CB  1 
ATOM 178 C CG1 . ILE A 1 26 ? -4.731  3.368  -2.485  1.00 2.00   ? 26 ILE A CG1 1 
ATOM 179 C CG2 . ILE A 1 26 ? -6.154  1.323  -2.023  1.00 2.00   ? 26 ILE A CG2 1 
ATOM 180 C CD1 . ILE A 1 26 ? -4.530  2.902  -3.911  1.00 2.00   ? 26 ILE A CD1 1 
ATOM 181 N N   . ILE A 1 27 ? -5.725  0.873  1.338   1.00 9.24   ? 27 ILE A N   1 
ATOM 182 C CA  . ILE A 1 27 ? -6.499  -0.134 2.099   1.00 9.24   ? 27 ILE A CA  1 
ATOM 183 C C   . ILE A 1 27 ? -7.453  0.422  3.126   1.00 9.24   ? 27 ILE A C   1 
ATOM 184 O O   . ILE A 1 27 ? -8.541  -0.103 3.261   1.00 9.24   ? 27 ILE A O   1 
ATOM 185 C CB  . ILE A 1 27 ? -5.614  -1.222 2.767   1.00 29.97  ? 27 ILE A CB  1 
ATOM 186 C CG1 . ILE A 1 27 ? -5.098  -2.211 1.715   1.00 29.97  ? 27 ILE A CG1 1 
ATOM 187 C CG2 . ILE A 1 27 ? -6.418  -2.006 3.788   1.00 29.97  ? 27 ILE A CG2 1 
ATOM 188 C CD1 . ILE A 1 27 ? -4.305  -3.377 2.289   1.00 29.97  ? 27 ILE A CD1 1 
ATOM 189 N N   . VAL A 1 28 ? -7.092  1.517  3.784   1.00 2.00   ? 28 VAL A N   1 
ATOM 190 C CA  . VAL A 1 28 ? -7.967  2.102  4.776   1.00 2.00   ? 28 VAL A CA  1 
ATOM 191 C C   . VAL A 1 28 ? -9.350  2.430  4.123   1.00 2.00   ? 28 VAL A C   1 
ATOM 192 O O   . VAL A 1 28 ? -10.370 2.468  4.794   1.00 2.00   ? 28 VAL A O   1 
ATOM 193 C CB  . VAL A 1 28 ? -7.289  3.318  5.513   1.00 2.00   ? 28 VAL A CB  1 
ATOM 194 C CG1 . VAL A 1 28 ? -8.084  3.766  6.711   1.00 2.00   ? 28 VAL A CG1 1 
ATOM 195 C CG2 . VAL A 1 28 ? -5.893  2.930  5.964   1.00 2.00   ? 28 VAL A CG2 1 
ATOM 196 N N   . LEU A 1 29 ? -9.357  2.585  2.807   1.00 2.00   ? 29 LEU A N   1 
ATOM 197 C CA  . LEU A 1 29 ? -10.565 2.829  2.017   1.00 2.00   ? 29 LEU A CA  1 
ATOM 198 C C   . LEU A 1 29 ? -11.388 1.547  1.883   1.00 2.00   ? 29 LEU A C   1 
ATOM 199 O O   . LEU A 1 29 ? -12.626 1.593  1.788   1.00 2.00   ? 29 LEU A O   1 
ATOM 200 C CB  . LEU A 1 29 ? -10.201 3.307  0.597   1.00 2.00   ? 29 LEU A CB  1 
ATOM 201 C CG  . LEU A 1 29 ? -9.781  4.744  0.348   1.00 2.00   ? 29 LEU A CG  1 
ATOM 202 C CD1 . LEU A 1 29 ? -10.960 5.664  0.520   1.00 2.00   ? 29 LEU A CD1 1 
ATOM 203 C CD2 . LEU A 1 29 ? -8.661  5.111  1.286   1.00 2.00   ? 29 LEU A CD2 1 
ATOM 204 N N   . ALA A 1 30 ? -10.714 0.419  1.746   1.00 2.00   ? 30 ALA A N   1 
ATOM 205 C CA  . ALA A 1 30 ? -11.388 -0.842 1.564   1.00 2.00   ? 30 ALA A CA  1 
ATOM 206 C C   . ALA A 1 30 ? -12.073 -1.030 2.860   1.00 2.00   ? 30 ALA A C   1 
ATOM 207 O O   . ALA A 1 30 ? -13.250 -1.211 2.873   1.00 2.00   ? 30 ALA A O   1 
ATOM 208 C CB  . ALA A 1 30 ? -10.366 -1.912 1.341   1.00 9.24   ? 30 ALA A CB  1 
ATOM 209 N N   . ALA A 1 31 ? -11.295 -0.889 3.943   1.00 2.00   ? 31 ALA A N   1 
ATOM 210 C CA  . ALA A 1 31 ? -11.753 -1.007 5.323   1.00 2.00   ? 31 ALA A CA  1 
ATOM 211 C C   . ALA A 1 31 ? -13.011 -0.156 5.570   1.00 2.00   ? 31 ALA A C   1 
ATOM 212 O O   . ALA A 1 31 ? -13.888 -0.482 6.358   1.00 2.00   ? 31 ALA A O   1 
ATOM 213 C CB  . ALA A 1 31 ? -10.638 -0.615 6.282   1.00 2.00   ? 31 ALA A CB  1 
ATOM 214 N N   . VAL A 1 32 ? -13.087 0.986  4.895   1.00 2.00   ? 32 VAL A N   1 
ATOM 215 C CA  . VAL A 1 32 ? -14.239 1.864  5.000   1.00 2.00   ? 32 VAL A CA  1 
ATOM 216 C C   . VAL A 1 32 ? -15.364 1.543  4.030   1.00 2.00   ? 32 VAL A C   1 
ATOM 217 O O   . VAL A 1 32 ? -16.516 1.905  4.248   1.00 2.00   ? 32 VAL A O   1 
ATOM 218 C CB  . VAL A 1 32 ? -13.784 3.338  4.918   1.00 2.00   ? 32 VAL A CB  1 
ATOM 219 C CG1 . VAL A 1 32 ? -14.975 4.274  4.565   1.00 2.00   ? 32 VAL A CG1 1 
ATOM 220 C CG2 . VAL A 1 32 ? -13.228 3.739  6.240   1.00 2.00   ? 32 VAL A CG2 1 
ATOM 221 N N   . VAL A 1 33 ? -15.041 0.839  2.941   1.00 2.00   ? 33 VAL A N   1 
ATOM 222 C CA  . VAL A 1 33 ? -16.065 0.433  1.992   1.00 2.00   ? 33 VAL A CA  1 
ATOM 223 C C   . VAL A 1 33 ? -16.935 -0.617 2.740   1.00 2.00   ? 33 VAL A C   1 
ATOM 224 O O   . VAL A 1 33 ? -18.169 -0.577 2.669   1.00 2.00   ? 33 VAL A O   1 
ATOM 225 C CB  . VAL A 1 33 ? -15.420 0.000  0.596   1.00 16.01  ? 33 VAL A CB  1 
ATOM 226 C CG1 . VAL A 1 33 ? -16.496 -0.408 -0.405  1.00 16.01  ? 33 VAL A CG1 1 
ATOM 227 C CG2 . VAL A 1 33 ? -14.699 1.185  0.027   1.00 16.01  ? 33 VAL A CG2 1 
ATOM 228 N N   . LEU A 1 34 ? -16.281 -1.414 3.595   1.00 2.00   ? 34 LEU A N   1 
ATOM 229 C CA  . LEU A 1 34 ? -16.958 -2.396 4.462   1.00 2.00   ? 34 LEU A CA  1 
ATOM 230 C C   . LEU A 1 34 ? -17.625 -1.750 5.685   1.00 2.00   ? 34 LEU A C   1 
ATOM 231 O O   . LEU A 1 34 ? -18.232 -2.422 6.492   1.00 2.00   ? 34 LEU A O   1 
ATOM 232 C CB  . LEU A 1 34 ? -16.068 -3.595 4.856   1.00 2.00   ? 34 LEU A CB  1 
ATOM 233 C CG  . LEU A 1 34 ? -15.951 -4.841 3.959   1.00 2.00   ? 34 LEU A CG  1 
ATOM 234 C CD1 . LEU A 1 34 ? -16.332 -6.073 4.745   1.00 2.00   ? 34 LEU A CD1 1 
ATOM 235 C CD2 . LEU A 1 34 ? -16.795 -4.693 2.686   1.00 2.00   ? 34 LEU A CD2 1 
ATOM 236 N N   . GLY A 1 35 ? -17.319 -0.480 5.901   1.00 30.77  ? 35 GLY A N   1 
ATOM 237 C CA  . GLY A 1 35 ? -17.948 0.247  6.967   1.00 30.77  ? 35 GLY A CA  1 
ATOM 238 C C   . GLY A 1 35 ? -19.326 0.587  6.412   1.00 30.77  ? 35 GLY A C   1 
ATOM 239 O O   . GLY A 1 35 ? -20.289 -0.039 6.842   1.00 30.77  ? 35 GLY A O   1 
ATOM 240 N N   . ILE A 1 36 ? -19.356 1.354  5.330   1.00 2.00   ? 36 ILE A N   1 
ATOM 241 C CA  . ILE A 1 36 ? -20.589 1.801  4.668   1.00 2.00   ? 36 ILE A CA  1 
ATOM 242 C C   . ILE A 1 36 ? -21.482 0.638  4.200   1.00 2.00   ? 36 ILE A C   1 
ATOM 243 O O   . ILE A 1 36 ? -22.677 0.829  4.059   1.00 2.00   ? 36 ILE A O   1 
ATOM 244 C CB  . ILE A 1 36 ? -20.347 2.723  3.416   1.00 2.00   ? 36 ILE A CB  1 
ATOM 245 C CG1 . ILE A 1 36 ? -19.941 4.145  3.814   1.00 2.00   ? 36 ILE A CG1 1 
ATOM 246 C CG2 . ILE A 1 36 ? -21.579 2.795  2.550   1.00 2.00   ? 36 ILE A CG2 1 
ATOM 247 C CD1 . ILE A 1 36 ? -19.415 4.964  2.656   1.00 2.00   ? 36 ILE A CD1 1 
ATOM 248 N N   . ARG A 1 37 ? -20.920 -0.495 3.823   1.00 2.00   ? 37 ARG A N   1 
ATOM 249 C CA  . ARG A 1 37 ? -21.761 -1.581 3.339   1.00 2.00   ? 37 ARG A CA  1 
ATOM 250 C C   . ARG A 1 37 ? -22.316 -2.686 4.253   1.00 2.00   ? 37 ARG A C   1 
ATOM 251 O O   . ARG A 1 37 ? -23.367 -3.243 3.910   1.00 2.00   ? 37 ARG A O   1 
ATOM 252 C CB  . ARG A 1 37 ? -21.246 -2.062 1.988   1.00 30.72  ? 37 ARG A CB  1 
ATOM 253 C CG  . ARG A 1 37 ? -21.179 -0.918 0.965   1.00 30.72  ? 37 ARG A CG  1 
ATOM 254 C CD  . ARG A 1 37 ? -20.415 -1.283 -0.278  1.00 30.72  ? 37 ARG A CD  1 
ATOM 255 N NE  . ARG A 1 37 ? -21.205 -2.021 -1.251  1.00 30.72  ? 37 ARG A NE  1 
ATOM 256 C CZ  . ARG A 1 37 ? -20.703 -2.537 -2.363  1.00 30.72  ? 37 ARG A CZ  1 
ATOM 257 N NH1 . ARG A 1 37 ? -19.419 -2.413 -2.638  1.00 30.72  ? 37 ARG A NH1 1 
ATOM 258 N NH2 . ARG A 1 37 ? -21.495 -3.177 -3.200  1.00 30.72  ? 37 ARG A NH2 1 
ATOM 259 N N   . TRP A 1 38 ? -21.623 -3.055 5.352   1.00 2.00   ? 38 TRP A N   1 
ATOM 260 C CA  . TRP A 1 38 ? -22.103 -4.085 6.288   1.00 2.00   ? 38 TRP A CA  1 
ATOM 261 C C   . TRP A 1 38 ? -23.341 -3.530 6.903   1.00 2.00   ? 38 TRP A C   1 
ATOM 262 O O   . TRP A 1 38 ? -24.150 -4.287 7.428   1.00 2.00   ? 38 TRP A O   1 
ATOM 263 C CB  . TRP A 1 38 ? -21.158 -4.335 7.490   1.00 2.00   ? 38 TRP A CB  1 
ATOM 264 C CG  . TRP A 1 38 ? -20.196 -5.436 7.420   1.00 2.00   ? 38 TRP A CG  1 
ATOM 265 C CD1 . TRP A 1 38 ? -18.925 -5.388 7.913   1.00 2.00   ? 38 TRP A CD1 1 
ATOM 266 C CD2 . TRP A 1 38 ? -20.387 -6.810 6.980   1.00 2.00   ? 38 TRP A CD2 1 
ATOM 267 N NE1 . TRP A 1 38 ? -18.302 -6.622 7.776   1.00 2.00   ? 38 TRP A NE1 1 
ATOM 268 C CE2 . TRP A 1 38 ? -19.200 -7.522 7.196   1.00 2.00   ? 38 TRP A CE2 1 
ATOM 269 C CE3 . TRP A 1 38 ? -21.456 -7.472 6.335   1.00 2.00   ? 38 TRP A CE3 1 
ATOM 270 C CZ2 . TRP A 1 38 ? -19.025 -8.873 6.842   1.00 2.00   ? 38 TRP A CZ2 1 
ATOM 271 C CZ3 . TRP A 1 38 ? -21.304 -8.805 6.004   1.00 2.00   ? 38 TRP A CZ3 1 
ATOM 272 C CH2 . TRP A 1 38 ? -20.113 -9.505 6.272   1.00 2.00   ? 38 TRP A CH2 1 
ATOM 273 N N   . ILE A 1 39 ? -23.347 -2.198 7.048   1.00 2.00   ? 39 ILE A N   1 
ATOM 274 C CA  . ILE A 1 39 ? -24.479 -1.490 7.685   1.00 2.00   ? 39 ILE A CA  1 
ATOM 275 C C   . ILE A 1 39 ? -25.807 -1.603 6.938   1.00 2.00   ? 39 ILE A C   1 
ATOM 276 O O   . ILE A 1 39 ? -26.792 -1.898 7.552   1.00 2.00   ? 39 ILE A O   1 
ATOM 277 C CB  . ILE A 1 39 ? -24.053 -0.019 8.035   1.00 49.66  ? 39 ILE A CB  1 
ATOM 278 C CG1 . ILE A 1 39 ? -22.927 -0.037 9.116   1.00 49.66  ? 39 ILE A CG1 1 
ATOM 279 C CG2 . ILE A 1 39 ? -25.303 0.737  8.519   1.00 49.66  ? 39 ILE A CG2 1 
ATOM 280 C CD1 . ILE A 1 39 ? -22.494 1.352  9.640   1.00 49.66  ? 39 ILE A CD1 1 
ATOM 281 N N   . LYS A 1 40 ? -25.808 -1.426 5.596   1.00 2.00   ? 40 LYS A N   1 
ATOM 282 C CA  . LYS A 1 40 ? -27.014 -1.505 4.776   1.00 2.00   ? 40 LYS A CA  1 
ATOM 283 C C   . LYS A 1 40 ? -27.681 -2.850 5.007   1.00 2.00   ? 40 LYS A C   1 
ATOM 284 O O   . LYS A 1 40 ? -28.859 -2.924 5.329   1.00 2.00   ? 40 LYS A O   1 
ATOM 285 C CB  . LYS A 1 40 ? -26.665 -1.476 3.299   1.00 2.00   ? 40 LYS A CB  1 
ATOM 286 C CG  . LYS A 1 40 ? -25.699 -0.426 2.923   1.00 2.00   ? 40 LYS A CG  1 
ATOM 287 C CD  . LYS A 1 40 ? -25.495 -0.460 1.365   1.00 2.00   ? 40 LYS A CD  1 
ATOM 288 C CE  . LYS A 1 40 ? -24.631 -1.613 0.957   1.00 2.00   ? 40 LYS A CE  1 
ATOM 289 N NZ  . LYS A 1 40 ? -25.339 -2.904 0.808   1.00 2.00   ? 40 LYS A NZ  1 
ATOM 290 N N   . ALA A 1 41 ? -26.899 -3.884 4.890   1.00 2.00   ? 41 ALA A N   1 
ATOM 291 C CA  . ALA A 1 41 ? -27.343 -5.248 5.079   1.00 2.00   ? 41 ALA A CA  1 
ATOM 292 C C   . ALA A 1 41 ? -28.198 -5.432 6.305   1.00 2.00   ? 41 ALA A C   1 
ATOM 293 O O   . ALA A 1 41 ? -29.347 -5.836 6.173   1.00 2.00   ? 41 ALA A O   1 
ATOM 294 C CB  . ALA A 1 41 ? -26.121 -6.157 5.228   1.00 2.00   ? 41 ALA A CB  1 
ATOM 295 N N   . GLN A 1 42 ? -27.710 -4.920 7.426   1.00 2.00   ? 42 GLN A N   1 
ATOM 296 C CA  . GLN A 1 42 ? -28.356 -5.096 8.731   1.00 2.00   ? 42 GLN A CA  1 
ATOM 297 C C   . GLN A 1 42 ? -29.857 -4.800 8.778   1.00 2.00   ? 42 GLN A C   1 
ATOM 298 O O   . GLN A 1 42 ? -30.600 -5.442 9.518   1.00 2.00   ? 42 GLN A O   1 
ATOM 299 C CB  . GLN A 1 42 ? -27.558 -4.299 9.769   1.00 2.00   ? 42 GLN A CB  1 
ATOM 300 C CG  . GLN A 1 42 ? -26.070 -4.652 9.867   1.00 2.00   ? 42 GLN A CG  1 
ATOM 301 C CD  . GLN A 1 42 ? -25.748 -5.905 10.740  1.00 2.00   ? 42 GLN A CD  1 
ATOM 302 O OE1 . GLN A 1 42 ? -26.622 -6.703 11.036  1.00 2.00   ? 42 GLN A OE1 1 
ATOM 303 N NE2 . GLN A 1 42 ? -24.487 -6.003 11.182  1.00 2.00   ? 42 GLN A NE2 1 
ATOM 304 N N   . PHE A 1 43 ? -30.309 -3.890 7.914   1.00 122.81 ? 43 PHE A N   1 
ATOM 305 C CA  . PHE A 1 43 ? -31.703 -3.439 7.802   1.00 122.81 ? 43 PHE A CA  1 
ATOM 306 C C   . PHE A 1 43 ? -32.640 -4.451 7.184   1.00 122.81 ? 43 PHE A C   1 
ATOM 307 O O   . PHE A 1 43 ? -33.706 -4.773 7.696   1.00 122.81 ? 43 PHE A O   1 
ATOM 308 C CB  . PHE A 1 43 ? -31.698 -2.119 6.935   1.00 2.00   ? 43 PHE A CB  1 
ATOM 309 C CG  . PHE A 1 43 ? -31.266 -0.883 7.677   1.00 2.00   ? 43 PHE A CG  1 
ATOM 310 C CD1 . PHE A 1 43 ? -30.094 -0.866 8.414   1.00 2.00   ? 43 PHE A CD1 1 
ATOM 311 C CD2 . PHE A 1 43 ? -32.093 0.225  7.712   1.00 2.00   ? 43 PHE A CD2 1 
ATOM 312 C CE1 . PHE A 1 43 ? -29.738 0.251  9.161   1.00 2.00   ? 43 PHE A CE1 1 
ATOM 313 C CE2 . PHE A 1 43 ? -31.749 1.346  8.449   1.00 2.00   ? 43 PHE A CE2 1 
ATOM 314 C CZ  . PHE A 1 43 ? -30.569 1.352  9.197   1.00 2.00   ? 43 PHE A CZ  1 
ATOM 315 N N   . PHE A 1 44 ? -32.214 -4.869 5.977   1.00 2.00   ? 44 PHE A N   1 
ATOM 316 C CA  . PHE A 1 44 ? -32.929 -5.802 5.117   1.00 2.00   ? 44 PHE A CA  1 
ATOM 317 C C   . PHE A 1 44 ? -32.952 -7.259 5.564   1.00 2.00   ? 44 PHE A C   1 
ATOM 318 O O   . PHE A 1 44 ? -32.269 -7.523 6.570   1.00 2.00   ? 44 PHE A O   1 
ATOM 319 C CB  . PHE A 1 44 ? -32.379 -5.748 3.706   1.00 33.54  ? 44 PHE A CB  1 
ATOM 320 C CG  . PHE A 1 44 ? -32.795 -4.513 2.942   1.00 33.54  ? 44 PHE A CG  1 
ATOM 321 C CD1 . PHE A 1 44 ? -32.135 -3.303 3.117   1.00 33.54  ? 44 PHE A CD1 1 
ATOM 322 C CD2 . PHE A 1 44 ? -33.853 -4.567 2.033   1.00 33.54  ? 44 PHE A CD2 1 
ATOM 323 C CE1 . PHE A 1 44 ? -32.523 -2.179 2.390   1.00 33.54  ? 44 PHE A CE1 1 
ATOM 324 C CE2 . PHE A 1 44 ? -34.249 -3.449 1.307   1.00 33.54  ? 44 PHE A CE2 1 
ATOM 325 C CZ  . PHE A 1 44 ? -33.592 -2.256 1.493   1.00 33.54  ? 44 PHE A CZ  1 
ATOM 326 O OXT . PHE A 1 44 ? -33.651 -8.098 4.927   1.00 33.54  ? 44 PHE A OXT 1 
# 
